data_5NPB
#
_entry.id   5NPB
#
_cell.length_a   197.380
_cell.length_b   197.380
_cell.length_c   102.909
_cell.angle_alpha   90.00
_cell.angle_beta   90.00
_cell.angle_gamma   120.00
#
_symmetry.space_group_name_H-M   'P 6 2 2'
#
loop_
_entity.id
_entity.type
_entity.pdbx_description
1 polymer 'Oligosaccharide 4-alpha-D-glucosyltransferase'
2 non-polymer 'SULFATE ION'
3 non-polymer 'TETRAETHYLENE GLYCOL'
4 non-polymer '[(1~{S},2~{R},3~{R},4~{S},5~{R})-2-(hydroxymethyl)-3,4,5,6-tetrakis(oxidanyl)cyclohexyl] hydrogen sulfate'
5 non-polymer 'OXALATE ION'
6 water water
#
_entity_poly.entity_id   1
_entity_poly.type   'polypeptide(L)'
_entity_poly.pdbx_seq_one_letter_code
;MNPVKREIHPDAVFYKEHKLRNDGLVITTNQGNIRLQFKSEAAIEVLYRADSKQLPSFALAQPESAIKAQLTETENHLQF
SGGTLTARIQKRPFAISYYRDSELLLAEESGFQVNTDKINFRFYLSPGEKILGGGQRILGMDRRGQRFPLYNRAHYGYSD
HSGQMYFGLPAIMSSKQYILVFDNSASGAMDIGKTESDILQLEAKSGRSAYILVAGNSYPSLIENFTQVTGRQPLPPRWA
LGSFASRFGYRSEAETRATVQKYKTEDFPLDTIVLDLYWFGKDIKGHMGNLDWDKENFPTPLDMMADFKQQGVKTVLITE
PFVLTSSKRWDDAVKAKALAKDPQGQPKAFELYFGNGGIIDVFSKEGSRWFSSIYKDLSKQGVAGWWGDLGEPEMHPEDT
QHAIGDADTVHNAYGHRWAEMLYQQQLDQFPELRPFIMMRAGFVGSQRYGMIPWTGDVSRTWGGLASQVELALQMSLLGF
GYIHSDLGGFADGETLDKEMYIRWLQYGVFQPVYRPHGQDHIPSEPVFQDEETKAILRPLVKLRYRMLPYIYTAAYQNTL
TGMPLMRPLFFSDEKNPALIDNKTSYFWGDSLLVTPITQAGVESVSIPAPKGVWFDFWKDTRYQTDGAPLTLPTDLHTIP
VLVKAGAFMPYVPAVSTTEDYRSDSLEIHYYADASVPLAQGEIFEDDGKDPNSIKRNQFDLLTLQATHTDNQLHFQLART
GKGYRGMPERRATTLVIHNASDQYQHLDINGKTIAIAQADCASTPALACYDQERRQLQLVFTWGREALNLRLHKGGRADP
AFLYKVVINSKLEGKPIPNPLLGLDSTRTGHHHHHH
;
_entity_poly.pdbx_strand_id   A
#
# COMPACT_ATOMS: atom_id res chain seq x y z
N ALA A 12 -6.94 41.23 8.29
CA ALA A 12 -5.67 42.05 8.36
C ALA A 12 -4.73 41.50 9.43
N VAL A 13 -3.64 40.86 8.99
CA VAL A 13 -2.68 40.18 9.88
C VAL A 13 -1.28 40.66 9.56
N PHE A 14 -0.46 40.81 10.61
CA PHE A 14 0.91 41.32 10.46
C PHE A 14 1.86 40.76 11.51
N TYR A 15 3.12 40.68 11.12
CA TYR A 15 4.21 40.23 11.99
C TYR A 15 4.36 41.21 13.17
N LYS A 16 4.59 40.72 14.39
CA LYS A 16 4.96 41.60 15.51
C LYS A 16 6.35 41.29 16.04
N GLU A 17 6.59 40.06 16.46
CA GLU A 17 7.93 39.65 16.86
C GLU A 17 8.12 38.13 16.76
N HIS A 18 9.35 37.68 16.93
CA HIS A 18 9.67 36.24 16.96
C HIS A 18 10.74 35.85 17.98
N LYS A 19 10.68 34.60 18.42
CA LYS A 19 11.68 34.01 19.27
C LYS A 19 12.11 32.65 18.66
N LEU A 20 13.40 32.28 18.78
CA LEU A 20 13.84 30.86 18.68
C LEU A 20 13.74 30.11 20.02
N ARG A 21 13.10 28.95 20.02
CA ARG A 21 12.97 28.09 21.21
C ARG A 21 13.17 26.63 20.77
N ASN A 22 14.29 26.02 21.17
CA ASN A 22 14.59 24.60 20.85
C ASN A 22 14.48 24.32 19.36
N ASP A 23 15.26 25.04 18.59
CA ASP A 23 15.30 24.96 17.13
C ASP A 23 14.02 25.33 16.39
N GLY A 24 12.92 25.56 17.11
CA GLY A 24 11.66 26.03 16.52
C GLY A 24 11.50 27.55 16.60
N LEU A 25 10.97 28.13 15.50
CA LEU A 25 10.67 29.55 15.41
C LEU A 25 9.25 29.81 15.88
N VAL A 26 9.11 30.66 16.91
CA VAL A 26 7.80 31.09 17.40
C VAL A 26 7.59 32.53 16.97
N ILE A 27 6.63 32.73 16.08
CA ILE A 27 6.28 34.05 15.55
C ILE A 27 5.04 34.52 16.32
N THR A 28 4.95 35.83 16.55
CA THR A 28 3.77 36.44 17.19
C THR A 28 3.23 37.47 16.22
N THR A 29 1.95 37.34 15.88
CA THR A 29 1.27 38.33 15.03
C THR A 29 0.28 39.07 15.95
N ASN A 30 -0.47 40.01 15.36
CA ASN A 30 -1.63 40.59 16.04
C ASN A 30 -2.71 39.55 16.44
N GLN A 31 -2.80 38.42 15.72
CA GLN A 31 -3.80 37.40 15.99
C GLN A 31 -3.32 36.28 16.96
N GLY A 32 -2.00 36.13 17.11
CA GLY A 32 -1.45 35.21 18.12
C GLY A 32 -0.14 34.54 17.68
N ASN A 33 0.11 33.35 18.22
CA ASN A 33 1.38 32.65 18.00
C ASN A 33 1.32 31.57 16.90
N ILE A 34 2.46 31.40 16.23
CA ILE A 34 2.68 30.45 15.14
C ILE A 34 4.02 29.71 15.38
N ARG A 35 4.00 28.38 15.52
CA ARG A 35 5.24 27.60 15.76
C ARG A 35 5.67 26.90 14.46
N LEU A 36 6.91 27.16 14.04
CA LEU A 36 7.50 26.52 12.86
C LEU A 36 8.62 25.59 13.35
N GLN A 37 8.51 24.30 13.04
CA GLN A 37 9.55 23.32 13.39
C GLN A 37 9.81 22.42 12.19
N PHE A 38 11.07 22.33 11.80
CA PHE A 38 11.48 21.43 10.73
C PHE A 38 11.53 20.04 11.32
N LYS A 39 10.79 19.10 10.72
CA LYS A 39 10.74 17.71 11.19
C LYS A 39 11.81 16.82 10.52
N SER A 40 12.47 17.39 9.52
CA SER A 40 13.58 16.83 8.78
C SER A 40 14.05 17.99 7.91
N GLU A 41 15.04 17.77 7.06
CA GLU A 41 15.56 18.83 6.16
C GLU A 41 14.65 19.30 5.01
N ALA A 42 13.63 18.50 4.68
CA ALA A 42 12.69 18.78 3.58
C ALA A 42 11.23 18.83 4.05
N ALA A 43 11.00 18.85 5.36
CA ALA A 43 9.66 18.82 5.93
C ALA A 43 9.49 19.82 7.09
N ILE A 44 8.45 20.65 7.02
CA ILE A 44 8.18 21.67 8.06
C ILE A 44 6.75 21.54 8.60
N GLU A 45 6.61 21.56 9.92
CA GLU A 45 5.32 21.64 10.60
C GLU A 45 5.07 23.13 10.96
N VAL A 46 3.94 23.65 10.49
CA VAL A 46 3.47 25.01 10.81
C VAL A 46 2.22 24.91 11.74
N LEU A 47 2.37 25.28 13.02
CA LEU A 47 1.26 25.23 13.98
C LEU A 47 0.77 26.66 14.27
N TYR A 48 -0.47 26.99 13.89
CA TYR A 48 -1.13 28.25 14.24
C TYR A 48 -1.87 28.01 15.54
N ARG A 49 -2.25 29.10 16.20
CA ARG A 49 -2.75 29.10 17.57
C ARG A 49 -1.85 28.29 18.53
N ALA A 50 -0.54 28.41 18.40
CA ALA A 50 0.43 27.59 19.16
C ALA A 50 0.38 27.79 20.64
N ASP A 51 0.02 29.00 21.06
CA ASP A 51 -0.28 29.35 22.46
C ASP A 51 -1.33 28.42 23.15
N SER A 52 -2.33 27.94 22.41
CA SER A 52 -3.53 27.26 22.98
C SER A 52 -3.43 25.73 23.11
N LYS A 53 -4.38 25.12 23.85
CA LYS A 53 -4.53 23.65 23.94
C LYS A 53 -5.20 23.14 22.70
N GLN A 54 -4.57 22.17 22.04
CA GLN A 54 -5.07 21.58 20.79
C GLN A 54 -4.82 20.09 20.82
N LEU A 55 -5.59 19.33 20.03
CA LEU A 55 -5.25 17.93 19.77
C LEU A 55 -3.79 17.86 19.26
N PRO A 56 -3.08 16.80 19.65
CA PRO A 56 -1.72 16.63 19.14
C PRO A 56 -1.71 16.22 17.67
N SER A 57 -0.53 16.20 17.10
CA SER A 57 -0.39 15.76 15.73
C SER A 57 -0.74 14.27 15.64
N PHE A 58 -1.42 13.89 14.56
CA PHE A 58 -1.61 12.48 14.25
C PHE A 58 -0.70 12.04 13.09
N ALA A 59 -0.40 12.95 12.19
CA ALA A 59 0.34 12.60 10.98
C ALA A 59 1.81 12.31 11.23
N LEU A 60 2.40 12.91 12.25
CA LEU A 60 3.85 12.86 12.41
C LEU A 60 4.26 11.65 13.20
N ALA A 61 5.29 10.97 12.69
CA ALA A 61 5.89 9.79 13.38
C ALA A 61 6.62 10.23 14.68
N GLN A 62 7.34 11.34 14.59
CA GLN A 62 8.02 11.97 15.75
C GLN A 62 7.52 13.41 15.98
N PRO A 63 6.34 13.55 16.64
CA PRO A 63 5.73 14.87 16.83
C PRO A 63 6.65 15.88 17.54
N GLU A 64 7.46 15.41 18.50
CA GLU A 64 8.33 16.28 19.33
C GLU A 64 9.59 16.77 18.61
N SER A 65 10.00 16.11 17.53
CA SER A 65 11.29 16.40 16.91
C SER A 65 11.29 17.78 16.27
N ALA A 66 12.47 18.39 16.21
CA ALA A 66 12.71 19.64 15.50
C ALA A 66 14.21 19.73 15.25
N ILE A 67 14.61 19.74 13.98
CA ILE A 67 16.03 19.70 13.64
C ILE A 67 16.55 21.11 13.51
N LYS A 68 17.85 21.27 13.65
CA LYS A 68 18.49 22.60 13.58
C LYS A 68 18.35 23.23 12.18
N ALA A 69 17.69 24.37 12.12
CA ALA A 69 17.52 25.16 10.90
C ALA A 69 18.22 26.49 11.11
N GLN A 70 18.46 27.23 10.02
CA GLN A 70 19.04 28.57 10.13
C GLN A 70 17.94 29.63 9.92
N LEU A 71 18.10 30.79 10.58
CA LEU A 71 17.15 31.92 10.50
C LEU A 71 17.88 33.21 10.10
N THR A 72 17.38 33.89 9.06
CA THR A 72 17.88 35.23 8.72
C THR A 72 16.71 36.23 8.56
N GLU A 73 16.97 37.49 8.94
CA GLU A 73 15.98 38.58 9.02
C GLU A 73 16.28 39.68 8.00
N THR A 74 15.26 40.19 7.32
CA THR A 74 15.37 41.36 6.43
C THR A 74 14.29 42.36 6.84
N GLU A 75 14.20 43.48 6.10
CA GLU A 75 13.22 44.52 6.40
C GLU A 75 11.84 43.91 6.36
N ASN A 76 11.47 43.39 5.20
CA ASN A 76 10.11 42.96 4.90
C ASN A 76 9.82 41.47 5.18
N HIS A 77 10.87 40.67 5.43
CA HIS A 77 10.75 39.19 5.45
C HIS A 77 11.60 38.52 6.54
N LEU A 78 11.16 37.33 6.97
CA LEU A 78 12.01 36.34 7.66
C LEU A 78 12.20 35.11 6.75
N GLN A 79 13.27 34.36 7.01
CA GLN A 79 13.61 33.16 6.22
C GLN A 79 14.14 32.09 7.13
N PHE A 80 13.47 30.94 7.11
CA PHE A 80 13.75 29.85 8.02
C PHE A 80 13.98 28.61 7.17
N SER A 81 15.21 28.09 7.20
CA SER A 81 15.70 27.09 6.26
C SER A 81 16.28 25.86 6.92
N GLY A 82 15.84 24.70 6.44
CA GLY A 82 16.60 23.45 6.62
C GLY A 82 17.40 23.21 5.34
N GLY A 83 17.96 22.02 5.21
CA GLY A 83 18.69 21.62 4.00
C GLY A 83 18.10 22.08 2.68
N THR A 84 16.99 21.50 2.28
CA THR A 84 16.42 21.80 0.97
C THR A 84 15.20 22.77 1.01
N LEU A 85 14.36 22.62 2.03
CA LEU A 85 13.15 23.43 2.21
C LEU A 85 13.38 24.74 3.01
N THR A 86 12.83 25.82 2.47
CA THR A 86 12.86 27.18 3.05
C THR A 86 11.47 27.85 3.18
N ALA A 87 11.14 28.26 4.40
CA ALA A 87 9.93 29.02 4.70
C ALA A 87 10.24 30.50 4.61
N ARG A 88 9.53 31.21 3.75
CA ARG A 88 9.74 32.65 3.60
C ARG A 88 8.51 33.33 4.18
N ILE A 89 8.74 34.07 5.27
CA ILE A 89 7.68 34.73 6.02
C ILE A 89 7.67 36.23 5.68
N GLN A 90 6.75 36.65 4.82
CA GLN A 90 6.47 38.08 4.58
C GLN A 90 5.78 38.69 5.83
N LYS A 91 6.24 39.87 6.23
CA LYS A 91 5.86 40.48 7.51
C LYS A 91 4.51 41.20 7.42
N ARG A 92 4.32 42.03 6.41
CA ARG A 92 3.10 42.82 6.25
C ARG A 92 2.66 42.81 4.79
N PRO A 93 1.46 42.32 4.44
CA PRO A 93 0.62 41.47 5.31
C PRO A 93 1.30 40.14 5.62
N PHE A 94 0.89 39.48 6.69
CA PHE A 94 1.53 38.23 7.11
C PHE A 94 1.19 37.10 6.13
N ALA A 95 2.22 36.49 5.53
CA ALA A 95 2.03 35.37 4.57
C ALA A 95 3.31 34.55 4.52
N ILE A 96 3.16 33.24 4.62
CA ILE A 96 4.29 32.32 4.54
C ILE A 96 4.24 31.68 3.15
N SER A 97 5.38 31.61 2.51
CA SER A 97 5.53 30.83 1.30
C SER A 97 6.71 29.84 1.46
N TYR A 98 6.76 28.85 0.59
CA TYR A 98 7.69 27.73 0.75
C TYR A 98 8.49 27.52 -0.54
N TYR A 99 9.81 27.42 -0.38
CA TYR A 99 10.77 27.30 -1.49
C TYR A 99 11.67 26.07 -1.34
N ARG A 100 11.94 25.40 -2.45
CA ARG A 100 12.99 24.40 -2.54
C ARG A 100 14.00 25.01 -3.49
N ASP A 101 15.24 25.15 -3.02
CA ASP A 101 16.20 26.09 -3.62
C ASP A 101 15.56 27.49 -3.56
N SER A 102 15.40 28.14 -4.70
CA SER A 102 14.56 29.31 -4.84
C SER A 102 13.46 29.04 -5.88
N GLU A 103 12.94 27.80 -5.93
CA GLU A 103 11.69 27.55 -6.67
C GLU A 103 10.52 27.59 -5.72
N LEU A 104 9.52 28.40 -6.06
CA LEU A 104 8.32 28.54 -5.24
C LEU A 104 7.49 27.28 -5.33
N LEU A 105 7.25 26.67 -4.18
CA LEU A 105 6.41 25.51 -4.10
C LEU A 105 4.97 25.94 -3.92
N LEU A 106 4.73 26.65 -2.82
CA LEU A 106 3.39 26.94 -2.34
C LEU A 106 3.46 28.23 -1.53
N ALA A 107 2.51 29.14 -1.80
CA ALA A 107 2.32 30.40 -1.06
C ALA A 107 0.95 30.47 -0.39
N GLU A 108 0.94 30.79 0.90
CA GLU A 108 -0.27 31.22 1.57
C GLU A 108 -0.95 32.41 0.83
N GLU A 109 -2.29 32.41 0.83
CA GLU A 109 -3.07 33.55 0.36
C GLU A 109 -3.38 34.28 1.65
N SER A 110 -4.63 34.27 2.12
CA SER A 110 -4.88 34.81 3.47
C SER A 110 -4.33 33.89 4.56
N GLY A 111 -4.04 32.63 4.23
CA GLY A 111 -3.45 31.69 5.20
C GLY A 111 -4.47 31.19 6.20
N PHE A 112 -4.13 31.24 7.48
CA PHE A 112 -4.99 30.80 8.58
C PHE A 112 -6.10 31.84 8.90
N GLN A 113 -7.33 31.39 9.16
CA GLN A 113 -8.48 32.28 9.48
C GLN A 113 -9.48 31.59 10.48
N VAL A 114 -10.26 32.42 11.22
CA VAL A 114 -10.99 32.13 12.52
C VAL A 114 -10.19 31.23 13.50
N LYS A 118 -14.38 28.01 13.60
CA LYS A 118 -13.93 27.22 12.46
C LYS A 118 -12.43 27.38 12.19
N ILE A 119 -11.87 26.43 11.45
CA ILE A 119 -10.49 26.45 11.02
C ILE A 119 -10.52 26.55 9.51
N ASN A 120 -9.61 27.35 8.98
CA ASN A 120 -9.59 27.60 7.57
C ASN A 120 -8.17 27.98 7.15
N PHE A 121 -7.63 27.31 6.13
CA PHE A 121 -6.35 27.63 5.52
C PHE A 121 -6.56 27.84 4.03
N ARG A 122 -5.98 28.92 3.49
CA ARG A 122 -6.11 29.30 2.08
C ARG A 122 -4.72 29.53 1.48
N PHE A 123 -4.45 28.91 0.34
CA PHE A 123 -3.19 29.00 -0.40
C PHE A 123 -3.45 29.29 -1.85
N TYR A 124 -2.46 29.90 -2.52
CA TYR A 124 -2.52 30.08 -3.98
C TYR A 124 -2.13 28.79 -4.68
N LEU A 125 -2.79 28.51 -5.78
CA LEU A 125 -2.35 27.47 -6.73
C LEU A 125 -1.77 28.20 -7.94
N SER A 126 -0.66 27.70 -8.48
CA SER A 126 0.01 28.31 -9.63
C SER A 126 -0.75 27.87 -10.88
N PRO A 127 -0.68 28.64 -11.97
CA PRO A 127 -1.37 28.18 -13.19
C PRO A 127 -0.69 26.91 -13.73
N GLY A 128 -1.51 25.99 -14.23
CA GLY A 128 -1.02 24.71 -14.69
C GLY A 128 -0.63 23.66 -13.62
N GLU A 129 -0.60 24.03 -12.36
CA GLU A 129 -0.28 23.09 -11.29
C GLU A 129 -1.36 21.98 -11.24
N LYS A 130 -0.93 20.70 -11.27
CA LYS A 130 -1.82 19.54 -11.12
C LYS A 130 -1.76 19.05 -9.69
N ILE A 131 -2.91 18.61 -9.17
CA ILE A 131 -3.00 18.27 -7.76
C ILE A 131 -3.64 16.90 -7.56
N LEU A 132 -2.82 15.94 -7.12
CA LEU A 132 -3.31 14.65 -6.67
C LEU A 132 -3.63 14.75 -5.19
N GLY A 133 -4.44 13.83 -4.69
CA GLY A 133 -4.72 13.77 -3.25
C GLY A 133 -6.15 13.54 -2.83
N GLY A 134 -6.41 13.73 -1.54
CA GLY A 134 -7.72 13.43 -0.95
C GLY A 134 -7.93 11.99 -0.54
N GLY A 135 -6.95 11.13 -0.82
CA GLY A 135 -7.15 9.71 -0.59
C GLY A 135 -8.16 9.14 -1.57
N GLN A 136 -9.06 8.32 -1.04
CA GLN A 136 -9.99 7.63 -1.90
C GLN A 136 -11.11 8.53 -2.39
N ARG A 137 -10.97 8.92 -3.65
CA ARG A 137 -12.04 9.52 -4.45
C ARG A 137 -12.00 8.94 -5.86
N ILE A 138 -13.14 8.91 -6.53
CA ILE A 138 -13.13 8.55 -7.94
C ILE A 138 -13.57 9.79 -8.72
N LEU A 139 -12.58 10.63 -9.03
CA LEU A 139 -12.78 11.95 -9.63
C LEU A 139 -11.86 12.29 -10.82
N GLY A 140 -10.90 11.41 -11.13
CA GLY A 140 -9.77 11.76 -12.00
C GLY A 140 -8.53 11.99 -11.15
N MET A 141 -7.39 11.56 -11.68
CA MET A 141 -6.14 11.64 -10.94
C MET A 141 -5.80 13.04 -10.45
N ASP A 142 -5.95 14.03 -11.35
CA ASP A 142 -5.77 15.45 -11.00
C ASP A 142 -7.07 15.90 -10.35
N ARG A 143 -7.05 16.18 -9.06
CA ARG A 143 -8.26 16.58 -8.32
C ARG A 143 -8.49 18.10 -8.35
N ARG A 144 -7.64 18.87 -9.01
CA ARG A 144 -7.86 20.32 -9.17
C ARG A 144 -9.20 20.59 -9.84
N GLY A 145 -9.92 21.61 -9.38
CA GLY A 145 -11.27 21.84 -9.86
C GLY A 145 -12.33 21.09 -9.08
N GLN A 146 -11.93 20.30 -8.08
CA GLN A 146 -12.89 19.57 -7.24
C GLN A 146 -12.87 20.10 -5.82
N ARG A 147 -14.02 19.94 -5.18
CA ARG A 147 -14.20 20.23 -3.75
C ARG A 147 -14.86 19.00 -3.15
N PHE A 148 -14.43 18.63 -1.94
CA PHE A 148 -14.97 17.46 -1.27
C PHE A 148 -14.71 17.47 0.23
N PRO A 149 -15.53 16.75 0.99
CA PRO A 149 -15.35 16.70 2.41
C PRO A 149 -14.18 15.81 2.87
N LEU A 150 -13.71 16.12 4.07
CA LEU A 150 -12.78 15.33 4.84
C LEU A 150 -13.58 14.72 5.97
N TYR A 151 -14.34 13.69 5.64
CA TYR A 151 -15.12 12.93 6.60
C TYR A 151 -15.24 11.47 6.13
N ASN A 152 -14.42 10.59 6.72
CA ASN A 152 -14.45 9.17 6.37
C ASN A 152 -15.87 8.62 6.46
N ARG A 153 -16.33 8.00 5.37
CA ARG A 153 -17.68 7.58 5.32
C ARG A 153 -17.86 6.47 4.25
N ALA A 154 -18.71 5.50 4.56
CA ALA A 154 -19.07 4.45 3.60
C ALA A 154 -19.63 4.94 2.26
N HIS A 155 -19.30 4.22 1.18
CA HIS A 155 -19.96 4.42 -0.12
C HIS A 155 -20.23 3.04 -0.69
N TYR A 156 -21.22 2.39 -0.08
CA TYR A 156 -21.63 1.08 -0.48
C TYR A 156 -21.95 1.00 -1.97
N GLY A 157 -21.37 0.02 -2.68
CA GLY A 157 -21.81 -0.26 -4.05
C GLY A 157 -21.34 0.77 -5.05
N TYR A 158 -20.29 1.52 -4.73
CA TYR A 158 -19.76 2.48 -5.65
C TYR A 158 -19.29 1.82 -6.91
N SER A 159 -19.14 2.63 -7.96
N SER A 159 -19.19 2.61 -7.98
CA SER A 159 -18.74 2.13 -9.26
CA SER A 159 -18.67 2.12 -9.26
C SER A 159 -17.69 3.04 -9.87
C SER A 159 -17.66 3.08 -9.85
N ASP A 160 -18.13 4.02 -10.67
CA ASP A 160 -17.24 4.88 -11.43
C ASP A 160 -17.19 6.31 -10.94
N HIS A 161 -17.79 6.57 -9.79
CA HIS A 161 -17.74 7.94 -9.24
C HIS A 161 -17.89 8.02 -7.71
N SER A 162 -17.08 8.85 -7.08
CA SER A 162 -17.25 9.13 -5.67
C SER A 162 -16.45 10.33 -5.24
N GLY A 163 -17.15 11.26 -4.59
CA GLY A 163 -16.50 12.34 -3.85
C GLY A 163 -16.16 12.08 -2.41
N GLN A 164 -16.53 10.93 -1.88
CA GLN A 164 -16.44 10.72 -0.42
C GLN A 164 -16.54 9.23 -0.15
N MET A 165 -15.46 8.64 0.36
CA MET A 165 -15.46 7.20 0.64
C MET A 165 -14.80 6.92 2.00
N TYR A 166 -14.39 5.68 2.20
CA TYR A 166 -14.01 5.09 3.48
C TYR A 166 -12.77 5.75 4.05
N PHE A 167 -11.83 6.09 3.17
CA PHE A 167 -10.53 6.51 3.61
C PHE A 167 -10.10 7.73 2.82
N GLY A 168 -10.55 8.87 3.32
CA GLY A 168 -9.97 10.11 2.93
C GLY A 168 -8.65 10.36 3.61
N LEU A 169 -7.81 11.09 2.94
CA LEU A 169 -6.60 11.62 3.48
C LEU A 169 -6.64 13.16 3.35
N PRO A 170 -6.31 13.86 4.44
CA PRO A 170 -6.23 15.30 4.35
C PRO A 170 -4.88 15.72 3.81
N ALA A 171 -4.59 15.28 2.59
CA ALA A 171 -3.31 15.60 2.01
C ALA A 171 -3.39 15.65 0.50
N ILE A 172 -2.49 16.41 -0.08
CA ILE A 172 -2.33 16.49 -1.53
C ILE A 172 -0.87 16.36 -1.97
N MET A 173 -0.68 15.93 -3.21
CA MET A 173 0.63 15.91 -3.86
C MET A 173 0.50 16.75 -5.12
N SER A 174 1.44 17.65 -5.32
CA SER A 174 1.42 18.53 -6.46
C SER A 174 2.48 18.22 -7.51
N SER A 175 2.23 18.63 -8.76
CA SER A 175 3.22 18.59 -9.86
C SER A 175 4.45 19.49 -9.64
N LYS A 176 4.39 20.39 -8.65
CA LYS A 176 5.57 21.07 -8.13
C LYS A 176 6.44 20.16 -7.26
N GLN A 177 6.02 18.92 -7.05
CA GLN A 177 6.73 17.96 -6.18
C GLN A 177 6.88 18.44 -4.70
N TYR A 178 5.73 18.78 -4.10
CA TYR A 178 5.58 18.87 -2.66
C TYR A 178 4.36 18.06 -2.27
N ILE A 179 4.32 17.69 -0.99
CA ILE A 179 3.14 17.13 -0.37
C ILE A 179 2.76 18.12 0.72
N LEU A 180 1.45 18.31 0.88
CA LEU A 180 0.88 19.21 1.89
C LEU A 180 -0.08 18.39 2.71
N VAL A 181 0.13 18.38 4.03
CA VAL A 181 -0.78 17.71 4.91
C VAL A 181 -1.50 18.69 5.85
N PHE A 182 -2.82 18.60 5.85
CA PHE A 182 -3.66 19.24 6.85
C PHE A 182 -3.72 18.29 8.08
N ASP A 183 -2.97 18.63 9.14
CA ASP A 183 -2.77 17.70 10.25
C ASP A 183 -3.89 17.79 11.27
N ASN A 184 -5.09 17.41 10.83
CA ASN A 184 -6.31 17.71 11.54
C ASN A 184 -7.24 16.55 11.33
N SER A 185 -7.82 16.11 12.43
CA SER A 185 -8.60 14.93 12.49
C SER A 185 -10.08 15.16 12.34
N ALA A 186 -10.53 16.41 12.19
CA ALA A 186 -11.97 16.70 12.35
C ALA A 186 -12.74 16.73 11.05
N SER A 187 -14.05 16.61 11.17
CA SER A 187 -14.95 16.86 10.04
C SER A 187 -14.59 18.18 9.33
N GLY A 188 -14.28 18.08 8.04
CA GLY A 188 -13.68 19.16 7.30
C GLY A 188 -13.99 19.10 5.82
N ALA A 189 -13.24 19.85 5.03
CA ALA A 189 -13.45 19.90 3.60
C ALA A 189 -12.17 20.37 2.89
N MET A 190 -12.01 19.96 1.64
CA MET A 190 -10.92 20.44 0.81
C MET A 190 -11.52 21.01 -0.47
N ASP A 191 -11.02 22.16 -0.90
CA ASP A 191 -11.53 22.85 -2.09
C ASP A 191 -10.31 23.16 -2.92
N ILE A 192 -10.10 22.37 -3.96
CA ILE A 192 -8.87 22.46 -4.73
C ILE A 192 -9.08 23.33 -5.99
N GLY A 193 -9.16 24.64 -5.80
CA GLY A 193 -9.37 25.58 -6.92
C GLY A 193 -10.70 25.40 -7.64
N LYS A 194 -11.71 24.98 -6.89
CA LYS A 194 -13.07 24.80 -7.37
C LYS A 194 -13.88 26.12 -7.27
N THR A 195 -14.14 26.54 -6.04
CA THR A 195 -14.91 27.77 -5.77
C THR A 195 -14.18 28.97 -6.37
N GLU A 196 -12.86 29.09 -6.11
CA GLU A 196 -12.02 30.12 -6.72
C GLU A 196 -10.85 29.46 -7.44
N SER A 197 -10.69 29.77 -8.75
CA SER A 197 -9.72 29.12 -9.67
C SER A 197 -8.34 28.88 -9.09
N ASP A 198 -7.85 29.90 -8.39
CA ASP A 198 -6.48 29.94 -7.97
C ASP A 198 -6.32 29.74 -6.45
N ILE A 199 -7.34 29.18 -5.80
CA ILE A 199 -7.27 28.97 -4.37
C ILE A 199 -7.46 27.50 -3.97
N LEU A 200 -6.50 27.03 -3.19
CA LEU A 200 -6.62 25.82 -2.43
C LEU A 200 -7.04 26.20 -1.03
N GLN A 201 -8.20 25.68 -0.60
CA GLN A 201 -8.72 25.92 0.73
C GLN A 201 -8.92 24.61 1.52
N LEU A 202 -8.37 24.58 2.73
CA LEU A 202 -8.57 23.53 3.71
C LEU A 202 -9.44 24.03 4.87
N GLU A 203 -10.45 23.26 5.31
CA GLU A 203 -11.35 23.71 6.38
C GLU A 203 -11.67 22.55 7.33
N ALA A 204 -11.91 22.87 8.60
CA ALA A 204 -12.41 21.91 9.58
C ALA A 204 -13.34 22.58 10.61
N LYS A 205 -14.28 21.81 11.16
CA LYS A 205 -15.14 22.29 12.24
C LYS A 205 -14.36 22.59 13.52
N SER A 206 -13.25 21.91 13.73
CA SER A 206 -12.54 21.94 15.00
C SER A 206 -11.20 21.23 14.79
N GLY A 207 -10.52 20.91 15.88
CA GLY A 207 -9.32 20.11 15.85
C GLY A 207 -8.11 21.01 15.68
N ARG A 208 -6.97 20.40 15.35
CA ARG A 208 -5.66 21.05 15.35
C ARG A 208 -5.52 21.92 14.13
N SER A 209 -4.91 23.09 14.31
CA SER A 209 -4.75 24.11 13.26
C SER A 209 -3.30 24.11 12.83
N ALA A 210 -2.96 23.08 12.05
CA ALA A 210 -1.58 22.79 11.66
C ALA A 210 -1.55 22.23 10.25
N TYR A 211 -0.51 22.58 9.52
CA TYR A 211 -0.20 21.88 8.32
C TYR A 211 1.28 21.53 8.24
N ILE A 212 1.59 20.57 7.34
CA ILE A 212 2.94 20.03 7.16
C ILE A 212 3.21 20.11 5.66
N LEU A 213 4.30 20.77 5.26
CA LEU A 213 4.77 20.83 3.89
C LEU A 213 6.01 19.93 3.76
N VAL A 214 6.00 19.02 2.79
CA VAL A 214 7.18 18.15 2.51
C VAL A 214 7.60 18.34 1.08
N ALA A 215 8.90 18.58 0.84
CA ALA A 215 9.44 18.79 -0.51
C ALA A 215 10.31 17.61 -0.99
N GLY A 216 10.52 17.57 -2.30
CA GLY A 216 11.44 16.59 -2.93
C GLY A 216 11.93 17.03 -4.29
N ASN A 217 13.08 16.45 -4.69
CA ASN A 217 13.68 16.71 -6.02
C ASN A 217 13.12 15.80 -7.12
N SER A 218 12.41 14.75 -6.73
CA SER A 218 11.74 13.82 -7.64
C SER A 218 10.57 13.23 -6.87
N TYR A 219 9.69 12.53 -7.54
CA TYR A 219 8.56 11.96 -6.84
C TYR A 219 9.00 10.86 -5.87
N PRO A 220 10.02 10.04 -6.25
CA PRO A 220 10.55 9.04 -5.29
C PRO A 220 11.13 9.66 -4.02
N SER A 221 11.92 10.72 -4.19
CA SER A 221 12.52 11.48 -3.07
C SER A 221 11.43 12.15 -2.23
N LEU A 222 10.39 12.66 -2.89
CA LEU A 222 9.27 13.31 -2.15
C LEU A 222 8.61 12.30 -1.24
N ILE A 223 8.36 11.13 -1.81
CA ILE A 223 7.74 10.06 -1.05
C ILE A 223 8.63 9.50 0.08
N GLU A 224 9.94 9.47 -0.17
CA GLU A 224 10.93 9.07 0.85
C GLU A 224 10.91 10.08 2.01
N ASN A 225 10.88 11.35 1.64
CA ASN A 225 10.83 12.45 2.64
C ASN A 225 9.55 12.46 3.43
N PHE A 226 8.44 12.16 2.77
CA PHE A 226 7.14 12.09 3.39
C PHE A 226 7.04 10.95 4.37
N THR A 227 7.45 9.74 3.95
CA THR A 227 7.37 8.63 4.84
C THR A 227 8.42 8.75 5.94
N GLN A 228 9.50 9.46 5.69
CA GLN A 228 10.49 9.74 6.76
C GLN A 228 9.79 10.37 7.97
N VAL A 229 8.97 11.40 7.74
CA VAL A 229 8.34 12.14 8.83
C VAL A 229 6.95 11.65 9.25
N THR A 230 6.23 10.96 8.36
CA THR A 230 4.91 10.42 8.69
C THR A 230 4.90 8.99 9.15
N GLY A 231 5.93 8.22 8.77
CA GLY A 231 6.10 6.82 9.21
C GLY A 231 6.34 5.87 8.02
N ARG A 232 7.23 4.91 8.21
CA ARG A 232 7.52 3.87 7.20
C ARG A 232 6.73 2.64 7.57
N GLN A 233 6.15 1.99 6.56
CA GLN A 233 5.45 0.76 6.83
C GLN A 233 6.48 -0.31 7.22
N PRO A 234 6.26 -0.98 8.35
CA PRO A 234 7.12 -2.11 8.66
C PRO A 234 6.80 -3.29 7.73
N LEU A 235 7.87 -3.98 7.30
CA LEU A 235 7.70 -5.11 6.39
C LEU A 235 6.60 -6.04 6.89
N PRO A 236 5.52 -6.21 6.09
CA PRO A 236 4.55 -7.19 6.54
C PRO A 236 5.12 -8.63 6.50
N PRO A 237 4.43 -9.57 7.13
CA PRO A 237 4.81 -10.98 7.05
C PRO A 237 4.67 -11.43 5.59
N ARG A 238 5.57 -12.28 5.11
CA ARG A 238 5.55 -12.64 3.68
C ARG A 238 4.21 -13.25 3.31
N TRP A 239 3.59 -13.92 4.24
CA TRP A 239 2.29 -14.49 3.98
C TRP A 239 1.18 -13.53 3.55
N ALA A 240 1.34 -12.24 3.85
CA ALA A 240 0.37 -11.25 3.40
C ALA A 240 0.44 -11.03 1.88
N LEU A 241 1.49 -11.54 1.26
CA LEU A 241 1.65 -11.53 -0.20
C LEU A 241 1.10 -12.76 -0.91
N GLY A 242 0.48 -13.64 -0.14
CA GLY A 242 -0.17 -14.82 -0.60
C GLY A 242 -1.64 -14.73 -0.97
N SER A 243 -2.23 -15.92 -1.16
CA SER A 243 -3.61 -16.14 -1.54
C SER A 243 -4.48 -16.25 -0.31
N PHE A 244 -5.50 -15.37 -0.29
CA PHE A 244 -6.52 -15.40 0.73
C PHE A 244 -7.79 -16.01 0.23
N ALA A 245 -8.36 -16.84 1.06
CA ALA A 245 -9.71 -17.27 0.94
C ALA A 245 -10.62 -16.38 1.80
N SER A 246 -11.55 -15.70 1.14
CA SER A 246 -12.48 -14.81 1.84
C SER A 246 -13.82 -14.71 1.13
N ARG A 247 -14.86 -14.58 1.94
CA ARG A 247 -16.21 -14.25 1.54
C ARG A 247 -16.89 -13.53 2.76
N PHE A 248 -18.01 -12.92 2.45
CA PHE A 248 -18.96 -12.46 3.48
C PHE A 248 -20.17 -13.33 3.38
N GLY A 249 -20.25 -14.43 4.15
CA GLY A 249 -19.18 -14.97 5.05
C GLY A 249 -19.28 -16.47 5.28
N TYR A 250 -18.18 -17.12 5.72
CA TYR A 250 -18.28 -18.55 6.10
C TYR A 250 -19.24 -18.67 7.29
N ARG A 251 -20.29 -19.48 7.16
CA ARG A 251 -21.30 -19.64 8.20
C ARG A 251 -20.96 -20.61 9.35
N SER A 252 -19.92 -21.41 9.15
CA SER A 252 -19.62 -22.48 10.11
C SER A 252 -18.18 -22.94 10.01
N GLU A 253 -17.74 -23.61 11.06
CA GLU A 253 -16.46 -24.27 11.06
C GLU A 253 -16.38 -25.29 9.90
N ALA A 254 -17.42 -26.08 9.72
CA ALA A 254 -17.50 -27.07 8.60
C ALA A 254 -17.28 -26.41 7.24
N GLU A 255 -17.87 -25.22 7.05
CA GLU A 255 -17.77 -24.53 5.78
C GLU A 255 -16.39 -23.94 5.60
N THR A 256 -15.78 -23.41 6.66
CA THR A 256 -14.46 -22.86 6.58
C THR A 256 -13.45 -24.02 6.27
N ARG A 257 -13.58 -25.10 7.00
CA ARG A 257 -12.73 -26.28 6.75
C ARG A 257 -12.94 -26.81 5.31
N ALA A 258 -14.19 -26.91 4.85
CA ALA A 258 -14.47 -27.32 3.46
C ALA A 258 -13.86 -26.39 2.42
N THR A 259 -13.71 -25.09 2.74
CA THR A 259 -13.07 -24.13 1.83
C THR A 259 -11.55 -24.30 1.81
N VAL A 260 -10.92 -24.56 2.96
CA VAL A 260 -9.48 -24.80 3.00
C VAL A 260 -9.21 -26.06 2.15
N GLN A 261 -10.04 -27.06 2.36
CA GLN A 261 -9.99 -28.32 1.61
C GLN A 261 -10.13 -28.06 0.10
N LYS A 262 -11.08 -27.21 -0.28
CA LYS A 262 -11.31 -26.95 -1.71
C LYS A 262 -10.08 -26.37 -2.36
N TYR A 263 -9.32 -25.55 -1.66
CA TYR A 263 -8.08 -25.07 -2.20
C TYR A 263 -7.07 -26.24 -2.45
N LYS A 264 -7.05 -27.19 -1.53
CA LYS A 264 -6.13 -28.31 -1.62
C LYS A 264 -6.57 -29.27 -2.71
N THR A 265 -7.86 -29.64 -2.74
CA THR A 265 -8.37 -30.49 -3.82
C THR A 265 -8.39 -29.82 -5.22
N GLU A 266 -8.44 -28.49 -5.30
CA GLU A 266 -8.42 -27.83 -6.60
C GLU A 266 -7.06 -27.35 -6.99
N ASP A 267 -6.07 -27.62 -6.16
CA ASP A 267 -4.70 -27.18 -6.45
C ASP A 267 -4.58 -25.66 -6.72
N PHE A 268 -5.16 -24.84 -5.84
CA PHE A 268 -4.82 -23.43 -5.78
C PHE A 268 -4.07 -23.13 -4.49
N PRO A 269 -3.01 -22.37 -4.58
CA PRO A 269 -2.28 -21.86 -3.41
C PRO A 269 -3.18 -21.09 -2.43
N LEU A 270 -2.89 -21.23 -1.15
CA LEU A 270 -3.71 -20.65 -0.06
C LEU A 270 -2.82 -20.45 1.13
N ASP A 271 -2.69 -19.19 1.55
CA ASP A 271 -2.00 -18.85 2.78
C ASP A 271 -2.92 -18.59 3.98
N THR A 272 -4.05 -17.92 3.73
CA THR A 272 -4.87 -17.37 4.80
C THR A 272 -6.32 -17.47 4.47
N ILE A 273 -7.11 -17.93 5.46
CA ILE A 273 -8.54 -17.87 5.37
C ILE A 273 -9.05 -16.75 6.34
N VAL A 274 -10.05 -16.00 5.87
CA VAL A 274 -10.60 -14.81 6.57
C VAL A 274 -12.03 -15.11 7.01
N LEU A 275 -12.33 -14.84 8.28
N LEU A 275 -12.33 -14.99 8.31
CA LEU A 275 -13.61 -15.18 8.84
CA LEU A 275 -13.69 -15.26 8.78
C LEU A 275 -14.38 -13.89 9.12
C LEU A 275 -14.35 -13.89 9.05
N ASP A 276 -15.55 -13.75 8.49
CA ASP A 276 -16.36 -12.53 8.60
C ASP A 276 -17.29 -12.76 9.81
N LEU A 277 -18.27 -11.88 9.96
CA LEU A 277 -18.98 -11.73 11.25
C LEU A 277 -19.79 -12.91 11.76
N TYR A 278 -19.98 -13.97 10.95
CA TYR A 278 -20.65 -15.13 11.44
C TYR A 278 -19.82 -15.98 12.46
N TRP A 279 -18.53 -15.66 12.64
CA TRP A 279 -17.69 -16.35 13.63
C TRP A 279 -18.13 -16.07 15.04
N PHE A 280 -18.76 -14.90 15.25
CA PHE A 280 -19.35 -14.52 16.57
C PHE A 280 -20.88 -14.51 16.70
N GLY A 281 -21.62 -14.87 15.64
CA GLY A 281 -23.05 -15.05 15.72
C GLY A 281 -23.75 -15.45 14.44
N LYS A 282 -24.91 -16.08 14.54
CA LYS A 282 -25.55 -16.63 13.33
C LYS A 282 -26.26 -15.64 12.43
N ASP A 283 -26.43 -14.40 12.90
CA ASP A 283 -27.08 -13.34 12.07
C ASP A 283 -26.15 -12.16 11.91
N ILE A 284 -26.41 -11.39 10.86
CA ILE A 284 -25.74 -10.14 10.65
C ILE A 284 -26.09 -9.17 11.82
N LYS A 285 -27.35 -9.18 12.23
CA LYS A 285 -27.81 -8.26 13.28
C LYS A 285 -27.72 -8.88 14.65
N GLY A 286 -27.28 -8.12 15.63
CA GLY A 286 -27.61 -8.41 17.01
C GLY A 286 -26.54 -9.05 17.86
N HIS A 287 -25.39 -9.38 17.26
CA HIS A 287 -24.26 -10.06 17.99
C HIS A 287 -23.00 -9.32 18.07
N MET A 288 -22.87 -8.27 17.26
CA MET A 288 -21.66 -7.52 17.16
C MET A 288 -21.26 -6.98 18.55
N GLY A 289 -20.02 -7.27 18.93
CA GLY A 289 -19.49 -6.99 20.28
C GLY A 289 -19.30 -8.26 21.11
N ASN A 290 -19.94 -9.36 20.69
CA ASN A 290 -19.69 -10.68 21.31
C ASN A 290 -18.18 -10.97 21.36
N LEU A 291 -17.48 -10.69 20.28
CA LEU A 291 -16.04 -10.90 20.18
C LEU A 291 -15.58 -12.23 20.81
N ASP A 292 -16.29 -13.27 20.45
CA ASP A 292 -16.04 -14.58 20.94
C ASP A 292 -16.79 -15.50 20.01
N TRP A 293 -16.39 -16.77 20.01
CA TRP A 293 -16.89 -17.74 19.07
C TRP A 293 -18.33 -18.10 19.25
N ASP A 294 -19.06 -18.13 18.13
CA ASP A 294 -20.37 -18.73 18.12
C ASP A 294 -20.24 -20.25 18.11
N LYS A 295 -20.40 -20.86 19.29
CA LYS A 295 -20.10 -22.28 19.46
C LYS A 295 -21.09 -23.23 18.81
N GLU A 296 -22.34 -22.81 18.57
CA GLU A 296 -23.29 -23.67 17.87
C GLU A 296 -22.81 -23.93 16.44
N ASN A 297 -22.08 -22.99 15.84
CA ASN A 297 -21.59 -23.08 14.44
C ASN A 297 -20.09 -23.22 14.28
N PHE A 298 -19.30 -22.76 15.27
CA PHE A 298 -17.86 -22.97 15.33
C PHE A 298 -17.55 -23.74 16.65
N PRO A 299 -17.90 -25.03 16.72
CA PRO A 299 -17.78 -25.80 17.96
C PRO A 299 -16.39 -26.05 18.50
N THR A 300 -15.36 -26.12 17.62
CA THR A 300 -13.98 -26.45 18.01
C THR A 300 -12.96 -25.58 17.30
N PRO A 301 -12.97 -24.29 17.63
CA PRO A 301 -12.16 -23.32 16.91
C PRO A 301 -10.67 -23.40 17.13
N LEU A 302 -10.23 -23.81 18.34
CA LEU A 302 -8.78 -23.96 18.58
C LEU A 302 -8.19 -25.09 17.70
N ASP A 303 -8.93 -26.18 17.65
CA ASP A 303 -8.60 -27.30 16.76
C ASP A 303 -8.62 -26.89 15.29
N MET A 304 -9.59 -26.04 14.92
CA MET A 304 -9.71 -25.56 13.56
C MET A 304 -8.51 -24.79 13.16
N MET A 305 -8.10 -23.82 13.98
CA MET A 305 -6.97 -23.03 13.68
C MET A 305 -5.67 -23.81 13.66
N ALA A 306 -5.51 -24.72 14.62
CA ALA A 306 -4.30 -25.58 14.68
C ALA A 306 -4.27 -26.51 13.43
N ASP A 307 -5.42 -27.04 13.04
CA ASP A 307 -5.50 -27.91 11.85
C ASP A 307 -5.13 -27.16 10.60
N PHE A 308 -5.60 -25.91 10.48
CA PHE A 308 -5.17 -25.05 9.40
C PHE A 308 -3.67 -24.70 9.50
N LYS A 309 -3.15 -24.44 10.68
CA LYS A 309 -1.75 -24.07 10.76
C LYS A 309 -0.83 -25.26 10.32
N GLN A 310 -1.25 -26.49 10.61
N GLN A 310 -1.29 -26.48 10.58
CA GLN A 310 -0.56 -27.69 10.07
CA GLN A 310 -0.63 -27.74 10.11
C GLN A 310 -0.47 -27.63 8.56
C GLN A 310 -0.66 -27.94 8.60
N GLN A 311 -1.58 -27.27 7.90
CA GLN A 311 -1.53 -27.08 6.42
C GLN A 311 -0.92 -25.75 5.96
N GLY A 312 -0.29 -25.01 6.88
CA GLY A 312 0.38 -23.78 6.53
C GLY A 312 -0.62 -22.63 6.25
N VAL A 313 -1.84 -22.76 6.77
CA VAL A 313 -2.91 -21.78 6.54
C VAL A 313 -3.17 -20.95 7.85
N LYS A 314 -3.19 -19.63 7.70
CA LYS A 314 -3.44 -18.67 8.83
C LYS A 314 -4.93 -18.33 8.90
N THR A 315 -5.39 -18.00 10.11
CA THR A 315 -6.78 -17.56 10.33
C THR A 315 -6.79 -16.07 10.71
N VAL A 316 -7.61 -15.29 10.00
CA VAL A 316 -7.82 -13.86 10.27
C VAL A 316 -9.29 -13.66 10.63
N LEU A 317 -9.52 -12.86 11.69
CA LEU A 317 -10.88 -12.64 12.16
C LEU A 317 -11.27 -11.15 12.01
N ILE A 318 -12.51 -10.92 11.64
CA ILE A 318 -13.11 -9.59 11.59
C ILE A 318 -13.43 -9.14 13.02
N THR A 319 -13.14 -7.89 13.27
CA THR A 319 -13.65 -7.22 14.48
C THR A 319 -14.12 -5.83 14.02
N GLU A 320 -14.95 -5.22 14.87
CA GLU A 320 -15.53 -3.91 14.58
C GLU A 320 -15.50 -3.03 15.85
N PRO A 321 -15.70 -1.71 15.69
CA PRO A 321 -15.62 -0.85 16.87
C PRO A 321 -16.82 -0.85 17.81
N PHE A 322 -17.92 -1.45 17.39
CA PHE A 322 -19.20 -1.35 18.08
C PHE A 322 -19.53 -2.54 18.94
N VAL A 323 -20.11 -2.25 20.09
CA VAL A 323 -20.67 -3.22 20.99
C VAL A 323 -22.15 -2.96 21.13
N LEU A 324 -22.96 -3.87 20.66
CA LEU A 324 -24.40 -3.77 20.74
C LEU A 324 -24.93 -4.08 22.12
N THR A 325 -26.10 -3.52 22.43
CA THR A 325 -26.72 -3.74 23.75
C THR A 325 -27.28 -5.13 23.91
N SER A 326 -27.54 -5.80 22.77
CA SER A 326 -27.98 -7.19 22.71
C SER A 326 -26.82 -8.22 22.81
N SER A 327 -25.58 -7.73 22.80
CA SER A 327 -24.40 -8.55 22.81
C SER A 327 -24.05 -8.98 24.23
N LYS A 328 -23.30 -10.08 24.32
CA LYS A 328 -22.87 -10.65 25.60
C LYS A 328 -21.92 -9.71 26.36
N ARG A 329 -21.24 -8.81 25.65
CA ARG A 329 -20.25 -7.93 26.26
C ARG A 329 -20.73 -6.47 26.63
N TRP A 330 -22.00 -6.17 26.40
CA TRP A 330 -22.53 -4.81 26.69
C TRP A 330 -22.30 -4.44 28.18
N ASP A 331 -22.88 -5.23 29.08
CA ASP A 331 -22.81 -4.95 30.53
C ASP A 331 -21.39 -4.81 30.96
N ASP A 332 -20.48 -5.66 30.46
CA ASP A 332 -19.08 -5.62 30.84
C ASP A 332 -18.32 -4.43 30.31
N ALA A 333 -18.61 -4.05 29.07
CA ALA A 333 -18.01 -2.86 28.50
C ALA A 333 -18.47 -1.58 29.24
N VAL A 334 -19.75 -1.52 29.56
CA VAL A 334 -20.27 -0.40 30.39
C VAL A 334 -19.58 -0.40 31.75
N LYS A 335 -19.61 -1.54 32.43
CA LYS A 335 -18.92 -1.68 33.72
C LYS A 335 -17.46 -1.23 33.65
N ALA A 336 -16.75 -1.63 32.63
CA ALA A 336 -15.35 -1.22 32.46
C ALA A 336 -15.12 0.18 31.92
N LYS A 337 -16.16 0.93 31.56
CA LYS A 337 -16.03 2.30 31.01
C LYS A 337 -15.26 2.29 29.70
N ALA A 338 -15.50 1.26 28.91
CA ALA A 338 -14.75 1.08 27.68
C ALA A 338 -15.37 1.85 26.52
N LEU A 339 -16.67 2.15 26.61
CA LEU A 339 -17.41 2.82 25.55
C LEU A 339 -17.36 4.36 25.63
N ALA A 340 -17.46 5.01 24.48
CA ALA A 340 -17.67 6.44 24.40
C ALA A 340 -18.99 6.85 25.06
N LYS A 341 -18.99 8.04 25.63
CA LYS A 341 -20.09 8.50 26.47
C LYS A 341 -20.83 9.63 25.78
N ASP A 342 -22.03 9.90 26.26
CA ASP A 342 -22.72 11.18 25.92
C ASP A 342 -22.17 12.32 26.83
N PRO A 343 -22.66 13.57 26.61
CA PRO A 343 -22.23 14.68 27.47
C PRO A 343 -22.70 14.54 28.93
N GLN A 344 -23.83 13.86 29.14
CA GLN A 344 -24.32 13.49 30.49
C GLN A 344 -23.42 12.50 31.26
N GLY A 345 -22.56 11.72 30.56
CA GLY A 345 -21.53 10.85 31.20
C GLY A 345 -21.73 9.32 31.19
N GLN A 346 -22.79 8.89 30.52
CA GLN A 346 -23.23 7.54 30.48
C GLN A 346 -22.82 7.03 29.08
N PRO A 347 -22.84 5.69 28.86
CA PRO A 347 -22.52 5.14 27.53
C PRO A 347 -23.44 5.64 26.44
N LYS A 348 -22.86 6.18 25.37
CA LYS A 348 -23.60 6.56 24.20
C LYS A 348 -24.00 5.33 23.38
N ALA A 349 -25.31 5.15 23.21
CA ALA A 349 -25.90 4.15 22.36
C ALA A 349 -26.58 4.82 21.18
N PHE A 350 -26.55 4.18 20.03
CA PHE A 350 -27.18 4.68 18.80
C PHE A 350 -27.52 3.51 17.84
N GLU A 351 -28.41 3.76 16.87
CA GLU A 351 -29.04 2.72 16.07
C GLU A 351 -28.23 2.45 14.82
N LEU A 352 -27.32 1.49 14.90
CA LEU A 352 -26.62 0.96 13.73
C LEU A 352 -27.55 0.03 12.97
N TYR A 353 -27.17 -0.35 11.74
CA TYR A 353 -27.90 -1.40 11.01
C TYR A 353 -28.08 -2.71 11.85
N PHE A 354 -27.02 -3.04 12.59
CA PHE A 354 -26.91 -4.28 13.36
C PHE A 354 -27.72 -4.24 14.61
N GLY A 355 -28.05 -3.02 15.06
CA GLY A 355 -28.91 -2.81 16.21
C GLY A 355 -28.41 -1.65 17.02
N ASN A 356 -29.00 -1.47 18.20
CA ASN A 356 -28.64 -0.38 19.06
C ASN A 356 -27.34 -0.73 19.78
N GLY A 357 -26.37 0.16 19.74
CA GLY A 357 -25.12 -0.07 20.40
C GLY A 357 -24.21 1.12 20.51
N GLY A 358 -23.08 0.87 21.15
CA GLY A 358 -22.06 1.86 21.46
C GLY A 358 -20.79 1.66 20.68
N ILE A 359 -19.82 2.50 20.93
CA ILE A 359 -18.56 2.45 20.23
C ILE A 359 -17.46 2.44 21.24
N ILE A 360 -16.47 1.59 20.99
CA ILE A 360 -15.37 1.40 21.92
C ILE A 360 -14.48 2.59 21.81
N ASP A 361 -14.11 3.14 22.96
CA ASP A 361 -13.33 4.35 22.94
C ASP A 361 -11.86 4.01 22.98
N VAL A 362 -11.29 3.90 21.80
CA VAL A 362 -9.87 3.55 21.63
C VAL A 362 -8.96 4.71 22.01
N PHE A 363 -9.50 5.93 22.12
CA PHE A 363 -8.75 7.07 22.65
C PHE A 363 -8.62 7.03 24.19
N SER A 364 -9.43 6.26 24.91
CA SER A 364 -9.29 6.19 26.36
C SER A 364 -8.36 5.08 26.79
N LYS A 365 -7.82 5.23 28.00
CA LYS A 365 -7.08 4.18 28.67
C LYS A 365 -7.92 2.95 28.88
N GLU A 366 -9.15 3.14 29.35
CA GLU A 366 -10.03 2.03 29.74
C GLU A 366 -10.53 1.25 28.51
N GLY A 367 -10.94 1.96 27.48
CA GLY A 367 -11.33 1.32 26.22
C GLY A 367 -10.15 0.59 25.58
N SER A 368 -8.97 1.16 25.60
CA SER A 368 -7.79 0.54 24.99
C SER A 368 -7.41 -0.74 25.70
N ARG A 369 -7.44 -0.74 27.03
CA ARG A 369 -7.13 -1.91 27.84
C ARG A 369 -8.21 -3.01 27.68
N TRP A 370 -9.49 -2.64 27.69
CA TRP A 370 -10.52 -3.63 27.58
C TRP A 370 -10.47 -4.32 26.20
N PHE A 371 -10.26 -3.53 25.14
CA PHE A 371 -10.32 -4.04 23.75
C PHE A 371 -9.08 -4.90 23.53
N SER A 372 -7.91 -4.35 23.87
CA SER A 372 -6.62 -5.03 23.79
C SER A 372 -6.56 -6.41 24.46
N SER A 373 -7.16 -6.52 25.65
N SER A 373 -7.17 -6.53 25.64
CA SER A 373 -7.28 -7.80 26.36
CA SER A 373 -7.26 -7.81 26.35
C SER A 373 -8.09 -8.85 25.59
C SER A 373 -8.08 -8.86 25.58
N ILE A 374 -9.08 -8.39 24.83
CA ILE A 374 -9.87 -9.27 23.99
C ILE A 374 -9.00 -9.77 22.82
N TYR A 375 -8.34 -8.86 22.11
CA TYR A 375 -7.40 -9.28 21.03
C TYR A 375 -6.29 -10.27 21.53
N LYS A 376 -5.76 -9.99 22.72
CA LYS A 376 -4.75 -10.86 23.31
C LYS A 376 -5.25 -12.29 23.48
N ASP A 377 -6.44 -12.42 24.05
CA ASP A 377 -7.02 -13.69 24.33
C ASP A 377 -7.26 -14.49 23.02
N LEU A 378 -7.82 -13.84 22.01
CA LEU A 378 -8.07 -14.54 20.74
C LEU A 378 -6.76 -14.86 20.02
N SER A 379 -5.78 -13.98 20.10
CA SER A 379 -4.50 -14.22 19.47
C SER A 379 -3.81 -15.45 20.09
N LYS A 380 -3.97 -15.62 21.41
CA LYS A 380 -3.47 -16.80 22.15
C LYS A 380 -4.16 -18.07 21.69
N GLN A 381 -5.43 -18.00 21.35
CA GLN A 381 -6.17 -19.17 20.89
C GLN A 381 -5.71 -19.74 19.51
N GLY A 382 -5.01 -18.93 18.72
CA GLY A 382 -4.53 -19.30 17.39
C GLY A 382 -4.69 -18.27 16.26
N VAL A 383 -5.33 -17.12 16.51
CA VAL A 383 -5.52 -16.10 15.45
C VAL A 383 -4.22 -15.42 15.03
N ALA A 384 -3.92 -15.44 13.73
CA ALA A 384 -2.66 -14.94 13.19
C ALA A 384 -2.67 -13.54 12.79
N GLY A 385 -3.88 -13.03 12.57
CA GLY A 385 -4.07 -11.71 11.97
C GLY A 385 -5.46 -11.19 12.16
N TRP A 386 -5.61 -9.89 11.86
CA TRP A 386 -6.80 -9.12 12.25
C TRP A 386 -7.32 -8.20 11.13
N TRP A 387 -8.63 -8.23 11.02
CA TRP A 387 -9.37 -7.44 10.06
C TRP A 387 -10.24 -6.51 10.94
N GLY A 388 -10.04 -5.21 10.81
CA GLY A 388 -10.88 -4.21 11.54
C GLY A 388 -11.78 -3.50 10.54
N ASP A 389 -13.05 -3.82 10.53
CA ASP A 389 -13.96 -3.24 9.59
C ASP A 389 -14.75 -2.10 10.31
N LEU A 390 -15.30 -1.16 9.53
CA LEU A 390 -16.19 -0.07 10.05
C LEU A 390 -15.54 0.98 10.92
N GLY A 391 -14.24 1.24 10.72
CA GLY A 391 -13.51 2.21 11.50
C GLY A 391 -13.58 3.66 11.02
N GLU A 392 -14.53 4.00 10.14
CA GLU A 392 -14.69 5.38 9.64
C GLU A 392 -14.88 6.42 10.79
N PRO A 393 -15.58 6.12 11.90
CA PRO A 393 -16.45 5.01 12.15
C PRO A 393 -17.66 5.07 11.28
N GLU A 394 -18.21 3.91 10.98
CA GLU A 394 -19.33 3.83 10.01
C GLU A 394 -20.51 4.73 10.44
N MET A 395 -20.83 4.72 11.73
CA MET A 395 -21.78 5.67 12.31
C MET A 395 -21.10 6.25 13.53
N HIS A 396 -21.25 7.55 13.72
CA HIS A 396 -20.48 8.27 14.71
C HIS A 396 -21.23 9.55 15.05
N PRO A 397 -22.33 9.45 15.80
CA PRO A 397 -23.14 10.67 16.09
C PRO A 397 -22.32 11.77 16.73
N GLU A 398 -22.62 13.02 16.35
CA GLU A 398 -21.80 14.19 16.77
C GLU A 398 -21.70 14.45 18.28
N ASP A 399 -22.68 14.08 19.06
CA ASP A 399 -22.57 14.26 20.52
C ASP A 399 -21.85 13.12 21.24
N THR A 400 -21.36 12.12 20.49
CA THR A 400 -20.52 11.09 21.08
C THR A 400 -19.25 11.73 21.61
N GLN A 401 -18.87 11.37 22.84
CA GLN A 401 -17.68 11.95 23.47
C GLN A 401 -16.58 10.90 23.71
N HIS A 402 -15.39 11.16 23.19
CA HIS A 402 -14.21 10.35 23.39
C HIS A 402 -13.39 11.01 24.44
N ALA A 403 -12.43 10.27 24.98
CA ALA A 403 -11.55 10.83 26.02
C ALA A 403 -10.88 12.13 25.61
N ILE A 404 -10.56 12.33 24.34
CA ILE A 404 -9.81 13.52 23.90
C ILE A 404 -10.62 14.50 23.06
N GLY A 405 -11.93 14.28 22.91
CA GLY A 405 -12.72 15.16 22.03
C GLY A 405 -14.00 14.52 21.59
N ASP A 406 -14.87 15.34 20.99
CA ASP A 406 -16.12 14.80 20.48
C ASP A 406 -15.95 14.08 19.12
N ALA A 407 -16.97 13.36 18.71
CA ALA A 407 -16.94 12.59 17.46
C ALA A 407 -16.46 13.40 16.28
N ASP A 408 -17.00 14.61 16.09
CA ASP A 408 -16.65 15.39 14.91
C ASP A 408 -15.25 15.92 14.94
N THR A 409 -14.67 16.05 16.13
CA THR A 409 -13.28 16.48 16.23
C THR A 409 -12.25 15.35 15.95
N VAL A 410 -12.53 14.14 16.47
CA VAL A 410 -11.63 12.96 16.34
C VAL A 410 -11.90 12.02 15.14
N HIS A 411 -13.02 12.23 14.44
CA HIS A 411 -13.58 11.26 13.49
C HIS A 411 -12.54 10.57 12.57
N ASN A 412 -11.74 11.34 11.89
CA ASN A 412 -10.84 10.83 10.87
C ASN A 412 -9.57 10.20 11.41
N ALA A 413 -9.45 10.12 12.73
CA ALA A 413 -8.31 9.54 13.42
C ALA A 413 -8.68 8.34 14.25
N TYR A 414 -9.97 7.98 14.30
CA TYR A 414 -10.46 6.85 15.08
C TYR A 414 -9.73 5.56 14.59
N GLY A 415 -9.79 5.29 13.29
CA GLY A 415 -9.24 4.01 12.72
C GLY A 415 -7.73 3.94 12.89
N HIS A 416 -7.10 5.10 12.72
CA HIS A 416 -5.67 5.32 12.93
C HIS A 416 -5.23 4.94 14.33
N ARG A 417 -5.98 5.34 15.34
CA ARG A 417 -5.63 5.02 16.73
C ARG A 417 -6.00 3.58 17.04
N TRP A 418 -7.07 3.11 16.41
CA TRP A 418 -7.48 1.71 16.53
C TRP A 418 -6.32 0.79 16.02
N ALA A 419 -5.73 1.16 14.89
CA ALA A 419 -4.53 0.49 14.33
C ALA A 419 -3.33 0.59 15.26
N GLU A 420 -3.05 1.78 15.74
CA GLU A 420 -1.96 1.94 16.71
C GLU A 420 -2.12 1.02 17.91
N MET A 421 -3.34 0.95 18.46
CA MET A 421 -3.64 0.22 19.66
C MET A 421 -3.37 -1.29 19.40
N LEU A 422 -3.89 -1.77 18.27
CA LEU A 422 -3.79 -3.17 17.89
C LEU A 422 -2.36 -3.52 17.55
N TYR A 423 -1.67 -2.64 16.84
CA TYR A 423 -0.26 -2.84 16.54
C TYR A 423 0.62 -2.99 17.78
N GLN A 424 0.56 -2.01 18.70
CA GLN A 424 1.31 -2.07 19.96
C GLN A 424 0.99 -3.34 20.74
N GLN A 425 -0.28 -3.71 20.77
CA GLN A 425 -0.73 -4.89 21.44
C GLN A 425 -0.12 -6.20 20.87
N GLN A 426 -0.07 -6.29 19.55
CA GLN A 426 0.47 -7.47 18.86
C GLN A 426 1.99 -7.51 19.00
N LEU A 427 2.67 -6.38 18.94
CA LEU A 427 4.09 -6.33 19.20
C LEU A 427 4.44 -6.73 20.63
N ASP A 428 3.52 -6.50 21.56
CA ASP A 428 3.76 -6.84 22.94
C ASP A 428 3.53 -8.31 23.20
N GLN A 429 2.46 -8.87 22.64
CA GLN A 429 2.17 -10.28 22.76
C GLN A 429 3.19 -11.20 22.00
N PHE A 430 3.55 -10.80 20.77
CA PHE A 430 4.38 -11.58 19.84
C PHE A 430 5.48 -10.69 19.30
N PRO A 431 6.49 -10.40 20.13
CA PRO A 431 7.55 -9.52 19.64
C PRO A 431 8.40 -10.06 18.47
N GLU A 432 8.28 -11.37 18.18
CA GLU A 432 9.04 -12.00 17.12
C GLU A 432 8.25 -12.19 15.86
N LEU A 433 7.04 -11.60 15.81
CA LEU A 433 6.17 -11.69 14.65
C LEU A 433 5.79 -10.29 14.11
N ARG A 434 5.46 -10.27 12.83
CA ARG A 434 4.98 -9.09 12.15
C ARG A 434 3.46 -9.05 12.18
N PRO A 435 2.87 -8.00 12.76
CA PRO A 435 1.42 -7.98 12.77
C PRO A 435 0.80 -7.79 11.38
N PHE A 436 -0.35 -8.42 11.22
CA PHE A 436 -1.25 -8.27 10.08
C PHE A 436 -2.53 -7.58 10.56
N ILE A 437 -2.72 -6.37 10.07
CA ILE A 437 -3.83 -5.49 10.47
C ILE A 437 -4.48 -4.93 9.20
N MET A 438 -5.65 -5.41 8.86
CA MET A 438 -6.33 -4.97 7.66
C MET A 438 -7.48 -4.06 8.09
N MET A 439 -7.55 -2.87 7.55
CA MET A 439 -8.55 -1.87 8.01
C MET A 439 -9.00 -0.99 6.85
N ARG A 440 -10.19 -0.42 7.04
CA ARG A 440 -10.92 0.32 6.00
C ARG A 440 -10.71 1.84 6.04
N ALA A 441 -10.32 2.35 7.20
CA ALA A 441 -10.23 3.79 7.41
C ALA A 441 -9.07 4.10 8.30
N GLY A 442 -8.28 5.09 7.92
CA GLY A 442 -7.18 5.54 8.74
C GLY A 442 -6.95 7.02 8.56
N PHE A 443 -5.70 7.40 8.76
CA PHE A 443 -5.27 8.75 8.67
C PHE A 443 -3.87 8.75 8.08
N VAL A 444 -3.36 9.93 7.70
CA VAL A 444 -1.98 10.08 7.27
C VAL A 444 -1.08 9.53 8.37
N GLY A 445 -0.14 8.64 7.96
CA GLY A 445 0.76 7.96 8.88
C GLY A 445 0.32 6.62 9.44
N SER A 446 -0.91 6.20 9.16
CA SER A 446 -1.43 4.98 9.70
C SER A 446 -0.60 3.78 9.18
N GLN A 447 0.14 3.97 8.09
CA GLN A 447 1.06 2.91 7.59
C GLN A 447 2.13 2.52 8.61
N ARG A 448 2.46 3.43 9.55
CA ARG A 448 3.45 3.09 10.57
C ARG A 448 2.96 2.11 11.61
N TYR A 449 1.66 1.88 11.65
CA TYR A 449 1.10 0.86 12.47
C TYR A 449 0.76 -0.39 11.63
N GLY A 450 1.39 -0.53 10.46
CA GLY A 450 1.17 -1.71 9.62
C GLY A 450 -0.18 -1.77 8.90
N MET A 451 -0.91 -0.65 8.81
CA MET A 451 -2.26 -0.71 8.25
C MET A 451 -2.21 -1.11 6.78
N ILE A 452 -3.05 -2.07 6.45
CA ILE A 452 -3.20 -2.57 5.10
C ILE A 452 -4.65 -2.24 4.70
N PRO A 453 -4.83 -1.19 3.90
CA PRO A 453 -6.21 -0.84 3.57
C PRO A 453 -6.74 -1.55 2.34
N TRP A 454 -8.06 -1.72 2.29
CA TRP A 454 -8.77 -2.13 1.07
C TRP A 454 -9.85 -1.08 0.69
N THR A 455 -10.29 -1.05 -0.57
CA THR A 455 -11.18 0.01 -1.09
C THR A 455 -12.68 -0.23 -0.89
N GLY A 456 -13.06 -0.98 0.14
CA GLY A 456 -14.41 -1.10 0.58
C GLY A 456 -15.35 -1.92 -0.29
N ASP A 457 -16.63 -1.58 -0.20
CA ASP A 457 -17.71 -2.40 -0.66
C ASP A 457 -18.01 -2.08 -2.14
N VAL A 458 -17.00 -2.26 -2.98
CA VAL A 458 -17.11 -2.00 -4.41
C VAL A 458 -18.19 -2.83 -5.08
N SER A 459 -18.93 -2.24 -6.01
CA SER A 459 -19.98 -3.01 -6.71
C SER A 459 -19.31 -4.06 -7.60
N ARG A 460 -20.08 -5.07 -7.94
CA ARG A 460 -19.64 -6.09 -8.92
C ARG A 460 -19.93 -5.61 -10.33
N THR A 461 -19.28 -4.53 -10.73
CA THR A 461 -19.41 -3.99 -12.07
C THR A 461 -18.04 -3.67 -12.64
N TRP A 462 -18.02 -3.63 -13.97
CA TRP A 462 -16.83 -3.16 -14.68
C TRP A 462 -16.40 -1.79 -14.20
N GLY A 463 -17.37 -0.93 -13.89
CA GLY A 463 -17.03 0.39 -13.36
C GLY A 463 -16.27 0.32 -12.03
N GLY A 464 -16.73 -0.52 -11.12
CA GLY A 464 -16.03 -0.83 -9.87
C GLY A 464 -14.57 -1.27 -10.10
N LEU A 465 -14.35 -2.12 -11.10
CA LEU A 465 -13.00 -2.57 -11.47
C LEU A 465 -12.22 -1.46 -12.09
N ALA A 466 -12.88 -0.66 -12.96
CA ALA A 466 -12.17 0.38 -13.71
C ALA A 466 -11.65 1.52 -12.83
N SER A 467 -12.23 1.63 -11.64
CA SER A 467 -11.78 2.60 -10.64
C SER A 467 -10.63 2.18 -9.75
N GLN A 468 -10.28 0.89 -9.72
CA GLN A 468 -9.34 0.40 -8.68
C GLN A 468 -7.93 0.96 -8.83
N VAL A 469 -7.46 1.17 -10.05
CA VAL A 469 -6.10 1.70 -10.26
C VAL A 469 -6.02 3.14 -9.75
N GLU A 470 -7.03 3.93 -10.07
CA GLU A 470 -7.05 5.32 -9.60
C GLU A 470 -6.97 5.33 -8.07
N LEU A 471 -7.85 4.59 -7.44
CA LEU A 471 -7.86 4.51 -5.97
C LEU A 471 -6.53 4.04 -5.38
N ALA A 472 -5.97 2.97 -5.98
CA ALA A 472 -4.74 2.41 -5.47
C ALA A 472 -3.60 3.37 -5.61
N LEU A 473 -3.47 4.03 -6.76
CA LEU A 473 -2.37 4.97 -6.95
C LEU A 473 -2.50 6.19 -6.02
N GLN A 474 -3.73 6.66 -5.84
CA GLN A 474 -3.94 7.81 -4.95
C GLN A 474 -3.49 7.50 -3.52
N MET A 475 -3.81 6.30 -3.04
CA MET A 475 -3.42 5.87 -1.68
C MET A 475 -1.92 5.54 -1.59
N SER A 476 -1.36 4.93 -2.65
CA SER A 476 0.08 4.58 -2.70
C SER A 476 0.99 5.76 -2.65
N LEU A 477 0.60 6.83 -3.35
CA LEU A 477 1.39 8.02 -3.40
C LEU A 477 1.52 8.76 -2.04
N LEU A 478 0.53 8.55 -1.17
CA LEU A 478 0.50 9.17 0.16
C LEU A 478 0.65 8.16 1.30
N GLY A 479 1.46 7.15 1.09
CA GLY A 479 1.90 6.27 2.18
C GLY A 479 1.44 4.83 2.24
N PHE A 480 0.48 4.43 1.40
CA PHE A 480 -0.19 3.15 1.60
C PHE A 480 0.10 2.10 0.52
N GLY A 481 1.19 1.36 0.70
CA GLY A 481 1.66 0.44 -0.33
C GLY A 481 0.78 -0.75 -0.58
N TYR A 482 0.02 -1.17 0.45
CA TYR A 482 -0.73 -2.41 0.40
C TYR A 482 -2.23 -2.23 0.15
N ILE A 483 -2.60 -1.04 -0.34
CA ILE A 483 -3.94 -0.75 -0.81
C ILE A 483 -4.30 -1.77 -1.87
N HIS A 484 -5.50 -2.30 -1.74
CA HIS A 484 -5.98 -3.27 -2.69
C HIS A 484 -7.48 -3.26 -2.73
N SER A 485 -8.05 -4.06 -3.61
CA SER A 485 -9.48 -4.21 -3.71
C SER A 485 -9.96 -5.59 -3.36
N ASP A 486 -11.24 -5.68 -3.02
CA ASP A 486 -11.97 -6.95 -2.99
C ASP A 486 -12.01 -7.55 -4.39
N LEU A 487 -11.23 -8.62 -4.62
CA LEU A 487 -11.13 -9.14 -5.97
C LEU A 487 -12.41 -9.83 -6.45
N GLY A 488 -12.80 -9.47 -7.67
CA GLY A 488 -14.06 -9.91 -8.26
C GLY A 488 -15.24 -9.00 -7.90
N GLY A 489 -15.01 -8.06 -6.98
CA GLY A 489 -16.12 -7.27 -6.44
C GLY A 489 -16.94 -7.83 -5.31
N PHE A 490 -17.52 -6.91 -4.55
CA PHE A 490 -18.15 -7.20 -3.26
C PHE A 490 -19.66 -7.12 -3.28
N ALA A 491 -20.21 -6.02 -3.81
CA ALA A 491 -21.61 -5.67 -3.53
C ALA A 491 -22.60 -6.09 -4.61
N ASP A 492 -23.69 -6.71 -4.14
CA ASP A 492 -24.92 -6.95 -4.87
C ASP A 492 -24.63 -7.94 -6.01
N GLY A 493 -25.19 -7.70 -7.20
CA GLY A 493 -25.19 -8.72 -8.25
C GLY A 493 -26.20 -9.83 -7.94
N GLU A 494 -26.70 -10.49 -8.97
CA GLU A 494 -27.51 -11.69 -8.75
C GLU A 494 -26.86 -12.97 -9.32
N THR A 495 -25.95 -12.83 -10.27
CA THR A 495 -25.28 -13.97 -10.85
C THR A 495 -23.93 -13.49 -11.27
N LEU A 496 -22.95 -14.41 -11.23
CA LEU A 496 -21.56 -14.05 -11.49
C LEU A 496 -21.42 -13.44 -12.89
N ASP A 497 -20.68 -12.36 -12.99
CA ASP A 497 -20.28 -11.84 -14.29
C ASP A 497 -18.89 -12.43 -14.55
N LYS A 498 -18.88 -13.55 -15.26
CA LYS A 498 -17.67 -14.34 -15.42
C LYS A 498 -16.48 -13.58 -16.00
N GLU A 499 -16.69 -12.87 -17.12
CA GLU A 499 -15.61 -12.15 -17.75
C GLU A 499 -15.02 -11.09 -16.82
N MET A 500 -15.91 -10.37 -16.13
CA MET A 500 -15.45 -9.32 -15.22
C MET A 500 -14.65 -9.93 -14.05
N TYR A 501 -15.18 -10.99 -13.48
CA TYR A 501 -14.51 -11.78 -12.41
C TYR A 501 -13.08 -12.16 -12.81
N ILE A 502 -12.93 -12.72 -14.02
CA ILE A 502 -11.64 -13.19 -14.50
C ILE A 502 -10.69 -12.01 -14.64
N ARG A 503 -11.17 -10.96 -15.30
CA ARG A 503 -10.36 -9.77 -15.46
C ARG A 503 -9.90 -9.18 -14.14
N TRP A 504 -10.75 -9.28 -13.14
CA TRP A 504 -10.45 -8.64 -11.83
C TRP A 504 -9.38 -9.49 -11.10
N LEU A 505 -9.54 -10.81 -11.13
CA LEU A 505 -8.52 -11.72 -10.55
C LEU A 505 -7.20 -11.78 -11.29
N GLN A 506 -7.19 -11.49 -12.60
CA GLN A 506 -5.94 -11.30 -13.35
C GLN A 506 -5.20 -10.07 -12.90
N TYR A 507 -5.91 -8.94 -12.87
CA TYR A 507 -5.36 -7.72 -12.37
C TYR A 507 -4.81 -7.91 -10.94
N GLY A 508 -5.57 -8.61 -10.13
CA GLY A 508 -5.21 -9.00 -8.77
C GLY A 508 -3.77 -9.42 -8.54
N VAL A 509 -3.25 -10.19 -9.49
CA VAL A 509 -1.88 -10.75 -9.43
C VAL A 509 -0.87 -9.65 -9.38
N PHE A 510 -1.21 -8.51 -10.01
CA PHE A 510 -0.30 -7.37 -10.17
C PHE A 510 -0.76 -6.16 -9.32
N GLN A 511 -1.36 -6.45 -8.19
CA GLN A 511 -1.63 -5.46 -7.18
C GLN A 511 -1.39 -6.04 -5.77
N PRO A 512 -1.36 -5.17 -4.73
CA PRO A 512 -0.68 -5.60 -3.50
C PRO A 512 -1.12 -6.81 -2.68
N VAL A 513 -2.42 -7.04 -2.54
CA VAL A 513 -2.90 -8.14 -1.70
C VAL A 513 -3.89 -8.92 -2.50
N TYR A 514 -3.66 -10.25 -2.58
CA TYR A 514 -4.49 -11.16 -3.43
C TYR A 514 -5.68 -11.69 -2.58
N ARG A 515 -6.76 -10.90 -2.49
CA ARG A 515 -7.85 -11.19 -1.60
C ARG A 515 -9.16 -10.99 -2.33
N PRO A 516 -9.57 -12.00 -3.08
CA PRO A 516 -10.95 -12.04 -3.55
C PRO A 516 -11.90 -12.10 -2.37
N HIS A 517 -12.96 -11.27 -2.40
CA HIS A 517 -13.92 -11.18 -1.27
C HIS A 517 -15.28 -10.65 -1.80
N GLY A 518 -16.40 -11.22 -1.39
CA GLY A 518 -17.68 -10.72 -1.84
C GLY A 518 -18.81 -11.29 -1.04
N GLN A 519 -19.98 -10.67 -1.18
CA GLN A 519 -21.18 -11.20 -0.53
C GLN A 519 -21.45 -12.60 -1.03
N ASP A 520 -21.80 -13.52 -0.13
CA ASP A 520 -21.71 -14.96 -0.40
C ASP A 520 -22.83 -15.59 -1.24
N HIS A 521 -23.79 -14.80 -1.75
CA HIS A 521 -24.75 -15.33 -2.75
C HIS A 521 -24.10 -15.57 -4.13
N ILE A 522 -22.93 -15.02 -4.35
CA ILE A 522 -22.06 -15.31 -5.51
C ILE A 522 -20.65 -15.60 -4.95
N PRO A 523 -20.00 -16.70 -5.36
CA PRO A 523 -18.67 -17.04 -4.78
C PRO A 523 -17.57 -16.08 -5.17
N SER A 524 -16.80 -15.61 -4.17
CA SER A 524 -15.64 -14.78 -4.38
C SER A 524 -14.38 -15.59 -4.67
N GLU A 525 -14.30 -16.78 -4.10
CA GLU A 525 -13.05 -17.56 -4.12
C GLU A 525 -12.86 -18.28 -5.50
N PRO A 526 -11.66 -18.23 -6.08
CA PRO A 526 -11.46 -18.80 -7.44
C PRO A 526 -11.70 -20.29 -7.51
N VAL A 527 -11.58 -20.96 -6.37
CA VAL A 527 -11.74 -22.41 -6.30
C VAL A 527 -13.18 -22.86 -6.50
N PHE A 528 -14.15 -21.96 -6.34
CA PHE A 528 -15.55 -22.27 -6.56
C PHE A 528 -16.06 -21.85 -7.94
N GLN A 529 -15.16 -21.62 -8.89
CA GLN A 529 -15.54 -21.16 -10.22
C GLN A 529 -15.63 -22.37 -11.18
N ASP A 530 -16.12 -22.14 -12.39
CA ASP A 530 -16.27 -23.25 -13.35
C ASP A 530 -14.91 -23.62 -13.97
N GLU A 531 -14.85 -24.72 -14.73
CA GLU A 531 -13.58 -25.23 -15.24
C GLU A 531 -12.78 -24.26 -16.05
N GLU A 532 -13.44 -23.56 -16.96
CA GLU A 532 -12.73 -22.56 -17.75
C GLU A 532 -12.09 -21.45 -16.89
N THR A 533 -12.86 -20.99 -15.90
CA THR A 533 -12.35 -19.90 -15.03
C THR A 533 -11.12 -20.38 -14.23
N LYS A 534 -11.20 -21.58 -13.68
CA LYS A 534 -10.07 -22.14 -12.92
C LYS A 534 -8.86 -22.44 -13.79
N ALA A 535 -9.10 -22.95 -15.00
CA ALA A 535 -7.97 -23.18 -15.92
C ALA A 535 -7.26 -21.91 -16.27
N ILE A 536 -8.01 -20.80 -16.31
CA ILE A 536 -7.38 -19.51 -16.52
C ILE A 536 -6.63 -18.96 -15.27
N LEU A 537 -7.30 -19.00 -14.13
CA LEU A 537 -6.75 -18.35 -12.92
C LEU A 537 -5.70 -19.20 -12.16
N ARG A 538 -5.84 -20.50 -12.18
CA ARG A 538 -4.87 -21.40 -11.45
C ARG A 538 -3.41 -21.07 -11.76
N PRO A 539 -3.00 -21.01 -13.03
CA PRO A 539 -1.60 -20.66 -13.33
C PRO A 539 -1.18 -19.24 -12.96
N LEU A 540 -2.16 -18.33 -12.92
CA LEU A 540 -1.91 -16.98 -12.51
C LEU A 540 -1.71 -16.84 -10.98
N VAL A 541 -2.53 -17.50 -10.22
CA VAL A 541 -2.34 -17.51 -8.76
C VAL A 541 -0.98 -18.16 -8.47
N LYS A 542 -0.66 -19.26 -9.16
CA LYS A 542 0.69 -19.84 -9.00
C LYS A 542 1.78 -18.89 -9.39
N LEU A 543 1.57 -18.16 -10.49
CA LEU A 543 2.52 -17.18 -10.91
C LEU A 543 2.78 -16.13 -9.81
N ARG A 544 1.72 -15.75 -9.13
CA ARG A 544 1.86 -14.81 -8.01
C ARG A 544 2.84 -15.42 -6.99
N TYR A 545 2.70 -16.70 -6.71
CA TYR A 545 3.67 -17.37 -5.79
C TYR A 545 5.09 -17.50 -6.37
N ARG A 546 5.18 -17.74 -7.67
CA ARG A 546 6.50 -17.89 -8.29
C ARG A 546 7.22 -16.56 -8.32
N MET A 547 6.44 -15.49 -8.42
CA MET A 547 6.94 -14.14 -8.37
C MET A 547 7.19 -13.53 -6.95
N LEU A 548 6.97 -14.26 -5.88
CA LEU A 548 7.27 -13.74 -4.54
C LEU A 548 8.60 -13.01 -4.39
N PRO A 549 9.71 -13.50 -4.99
CA PRO A 549 10.93 -12.65 -4.82
C PRO A 549 10.85 -11.28 -5.45
N TYR A 550 10.10 -11.13 -6.56
CA TYR A 550 9.90 -9.79 -7.16
C TYR A 550 9.04 -8.90 -6.22
N ILE A 551 7.95 -9.48 -5.71
CA ILE A 551 6.97 -8.73 -4.95
C ILE A 551 7.55 -8.39 -3.55
N TYR A 552 8.15 -9.36 -2.90
CA TYR A 552 8.76 -9.18 -1.58
C TYR A 552 9.91 -8.23 -1.62
N THR A 553 10.65 -8.18 -2.72
CA THR A 553 11.69 -7.19 -2.88
C THR A 553 11.15 -5.71 -3.05
N ALA A 554 10.04 -5.57 -3.76
CA ALA A 554 9.34 -4.24 -3.82
C ALA A 554 8.80 -3.86 -2.42
N ALA A 555 8.29 -4.82 -1.66
CA ALA A 555 7.86 -4.63 -0.28
C ALA A 555 8.97 -4.12 0.60
N TYR A 556 10.10 -4.80 0.54
CA TYR A 556 11.32 -4.33 1.14
C TYR A 556 11.68 -2.89 0.78
N GLN A 557 11.66 -2.52 -0.51
CA GLN A 557 11.95 -1.13 -0.88
C GLN A 557 10.87 -0.15 -0.34
N ASN A 558 9.64 -0.59 -0.24
CA ASN A 558 8.57 0.22 0.41
C ASN A 558 8.86 0.45 1.90
N THR A 559 9.25 -0.60 2.62
CA THR A 559 9.70 -0.43 4.00
C THR A 559 10.89 0.54 4.10
N LEU A 560 11.83 0.45 3.17
CA LEU A 560 13.01 1.29 3.20
C LEU A 560 12.80 2.75 2.84
N THR A 561 11.95 3.02 1.84
CA THR A 561 11.90 4.39 1.26
C THR A 561 10.50 4.99 0.98
N GLY A 562 9.44 4.31 1.37
CA GLY A 562 8.11 4.68 0.94
C GLY A 562 7.70 4.21 -0.44
N MET A 563 8.66 3.80 -1.30
CA MET A 563 8.33 3.55 -2.72
C MET A 563 7.15 2.61 -2.81
N PRO A 564 6.05 3.04 -3.42
CA PRO A 564 4.89 2.16 -3.45
C PRO A 564 5.14 0.98 -4.38
N LEU A 565 4.38 -0.09 -4.22
CA LEU A 565 4.49 -1.26 -5.11
C LEU A 565 3.92 -0.94 -6.50
N MET A 566 2.71 -0.36 -6.50
CA MET A 566 2.10 0.17 -7.73
C MET A 566 2.61 1.58 -7.86
N ARG A 567 3.18 1.91 -9.02
CA ARG A 567 3.64 3.26 -9.33
C ARG A 567 2.88 3.78 -10.54
N PRO A 568 2.60 5.10 -10.56
CA PRO A 568 1.89 5.65 -11.71
C PRO A 568 2.77 5.83 -12.93
N LEU A 569 2.14 5.81 -14.10
CA LEU A 569 2.81 6.11 -15.36
C LEU A 569 3.65 7.38 -15.30
N PHE A 570 3.18 8.42 -14.58
CA PHE A 570 3.92 9.71 -14.54
C PHE A 570 5.30 9.68 -13.91
N PHE A 571 5.58 8.68 -13.07
CA PHE A 571 6.97 8.43 -12.62
C PHE A 571 7.97 8.26 -13.78
N SER A 572 7.50 7.72 -14.91
CA SER A 572 8.34 7.50 -16.10
C SER A 572 8.88 8.76 -16.79
N ASP A 573 8.25 9.90 -16.56
CA ASP A 573 8.71 11.18 -17.14
C ASP A 573 8.15 12.34 -16.31
N GLU A 574 9.00 12.85 -15.42
CA GLU A 574 8.62 13.87 -14.46
C GLU A 574 8.42 15.24 -15.09
N LYS A 575 8.92 15.45 -16.30
CA LYS A 575 8.76 16.70 -17.01
C LYS A 575 7.59 16.70 -18.00
N ASN A 576 6.76 15.65 -18.02
CA ASN A 576 5.54 15.60 -18.84
C ASN A 576 4.37 15.49 -17.85
N PRO A 577 3.83 16.64 -17.41
CA PRO A 577 2.73 16.58 -16.43
C PRO A 577 1.40 16.00 -17.00
N ALA A 578 1.21 15.99 -18.32
CA ALA A 578 0.03 15.31 -18.89
C ALA A 578 -0.12 13.82 -18.51
N LEU A 579 0.99 13.12 -18.27
CA LEU A 579 0.95 11.74 -17.79
C LEU A 579 0.27 11.54 -16.45
N ILE A 580 0.25 12.57 -15.60
CA ILE A 580 -0.51 12.49 -14.34
C ILE A 580 -1.96 11.99 -14.50
N ASP A 581 -2.63 12.36 -15.59
CA ASP A 581 -4.03 11.93 -15.82
C ASP A 581 -4.23 10.42 -16.03
N ASN A 582 -3.18 9.73 -16.46
CA ASN A 582 -3.30 8.31 -16.72
C ASN A 582 -3.62 7.47 -15.46
N LYS A 583 -4.73 6.74 -15.53
CA LYS A 583 -5.15 5.82 -14.47
C LYS A 583 -5.54 4.44 -15.06
N THR A 584 -4.99 4.11 -16.22
CA THR A 584 -5.33 2.85 -16.91
C THR A 584 -4.07 1.93 -17.05
N SER A 585 -2.87 2.50 -16.97
CA SER A 585 -1.59 1.73 -17.03
C SER A 585 -0.81 2.13 -15.81
N TYR A 586 -0.14 1.18 -15.15
CA TYR A 586 0.72 1.51 -14.00
C TYR A 586 1.94 0.56 -13.95
N PHE A 587 2.98 0.94 -13.20
CA PHE A 587 4.11 0.05 -12.93
C PHE A 587 3.85 -0.82 -11.69
N TRP A 588 4.07 -2.13 -11.83
CA TRP A 588 4.09 -3.08 -10.72
C TRP A 588 5.56 -3.37 -10.50
N GLY A 589 6.10 -2.79 -9.43
CA GLY A 589 7.54 -2.76 -9.23
C GLY A 589 8.27 -1.92 -10.26
N ASP A 590 9.59 -2.11 -10.37
CA ASP A 590 10.40 -1.40 -11.36
C ASP A 590 10.10 -1.74 -12.83
N SER A 591 9.67 -2.97 -13.11
CA SER A 591 9.92 -3.55 -14.44
C SER A 591 8.72 -3.89 -15.27
N LEU A 592 7.51 -3.91 -14.68
CA LEU A 592 6.32 -4.38 -15.37
C LEU A 592 5.35 -3.22 -15.50
N LEU A 593 4.94 -2.99 -16.74
CA LEU A 593 3.92 -1.98 -17.08
C LEU A 593 2.64 -2.78 -17.37
N VAL A 594 1.63 -2.61 -16.50
CA VAL A 594 0.42 -3.38 -16.53
C VAL A 594 -0.71 -2.49 -17.03
N THR A 595 -1.55 -2.99 -17.93
CA THR A 595 -2.75 -2.29 -18.39
C THR A 595 -3.97 -3.21 -18.19
N PRO A 596 -4.65 -3.10 -17.04
CA PRO A 596 -5.78 -3.97 -16.85
C PRO A 596 -6.88 -3.76 -17.86
N ILE A 597 -7.59 -4.81 -18.21
CA ILE A 597 -8.73 -4.74 -19.09
C ILE A 597 -9.93 -4.48 -18.20
N THR A 598 -10.60 -3.35 -18.45
CA THR A 598 -11.69 -2.92 -17.57
C THR A 598 -13.02 -2.73 -18.29
N GLN A 599 -13.19 -3.37 -19.45
CA GLN A 599 -14.51 -3.50 -20.10
C GLN A 599 -14.63 -4.83 -20.77
N ALA A 600 -15.85 -5.26 -20.99
CA ALA A 600 -16.13 -6.54 -21.62
C ALA A 600 -15.79 -6.48 -23.10
N GLY A 601 -15.35 -7.61 -23.65
CA GLY A 601 -15.13 -7.75 -25.09
C GLY A 601 -14.01 -6.94 -25.75
N VAL A 602 -13.15 -6.31 -24.96
CA VAL A 602 -12.06 -5.51 -25.52
C VAL A 602 -11.15 -6.45 -26.32
N GLU A 603 -10.92 -6.11 -27.58
CA GLU A 603 -10.14 -6.96 -28.51
C GLU A 603 -8.69 -6.55 -28.64
N SER A 604 -8.39 -5.29 -28.31
CA SER A 604 -7.01 -4.80 -28.30
C SER A 604 -6.88 -3.56 -27.40
N VAL A 605 -5.65 -3.18 -27.05
CA VAL A 605 -5.38 -2.00 -26.23
C VAL A 605 -4.20 -1.24 -26.79
N SER A 606 -4.20 0.05 -26.50
CA SER A 606 -3.15 0.94 -26.84
C SER A 606 -2.45 1.31 -25.55
N ILE A 607 -1.16 1.00 -25.44
CA ILE A 607 -0.44 1.13 -24.19
C ILE A 607 0.53 2.26 -24.39
N PRO A 608 0.43 3.33 -23.56
CA PRO A 608 1.29 4.48 -23.69
C PRO A 608 2.66 4.23 -23.08
N ALA A 609 3.36 3.23 -23.63
CA ALA A 609 4.62 2.81 -23.08
C ALA A 609 5.64 3.93 -23.18
N PRO A 610 6.36 4.22 -22.08
CA PRO A 610 7.43 5.18 -22.25
C PRO A 610 8.42 4.75 -23.34
N LYS A 611 9.12 5.71 -23.91
CA LYS A 611 10.05 5.37 -24.99
C LYS A 611 11.11 4.44 -24.45
N GLY A 612 11.57 3.55 -25.32
CA GLY A 612 12.57 2.56 -24.96
C GLY A 612 12.09 1.24 -25.51
N VAL A 613 12.65 0.17 -24.98
CA VAL A 613 12.38 -1.18 -25.47
C VAL A 613 11.62 -1.92 -24.41
N TRP A 614 10.62 -2.67 -24.87
CA TRP A 614 9.66 -3.32 -24.02
C TRP A 614 9.41 -4.70 -24.61
N PHE A 615 9.14 -5.69 -23.76
CA PHE A 615 8.86 -7.01 -24.21
C PHE A 615 7.46 -7.40 -23.74
N ASP A 616 6.71 -8.16 -24.55
CA ASP A 616 5.46 -8.80 -24.08
C ASP A 616 5.81 -9.87 -23.02
N PHE A 617 5.23 -9.74 -21.83
CA PHE A 617 5.54 -10.61 -20.69
C PHE A 617 5.22 -12.01 -21.01
N TRP A 618 4.10 -12.23 -21.74
CA TRP A 618 3.54 -13.52 -21.96
C TRP A 618 4.09 -14.25 -23.18
N LYS A 619 4.47 -13.48 -24.18
CA LYS A 619 4.86 -14.01 -25.49
C LYS A 619 6.30 -13.75 -25.87
N ASP A 620 7.01 -12.89 -25.13
CA ASP A 620 8.43 -12.55 -25.41
C ASP A 620 8.70 -11.60 -26.59
N THR A 621 7.65 -11.16 -27.30
CA THR A 621 7.81 -10.18 -28.40
C THR A 621 8.47 -8.89 -27.96
N ARG A 622 9.43 -8.42 -28.75
CA ARG A 622 10.19 -7.22 -28.48
C ARG A 622 9.52 -6.10 -29.27
N TYR A 623 9.35 -4.95 -28.60
CA TYR A 623 8.78 -3.75 -29.18
C TYR A 623 9.75 -2.65 -28.81
N GLN A 624 10.07 -1.79 -29.78
CA GLN A 624 10.83 -0.57 -29.52
C GLN A 624 9.85 0.57 -29.83
N THR A 625 9.90 1.67 -29.07
CA THR A 625 9.06 2.85 -29.35
C THR A 625 9.81 4.11 -29.00
N ASP A 626 9.64 5.13 -29.84
CA ASP A 626 10.21 6.46 -29.62
C ASP A 626 9.22 7.45 -28.97
N GLY A 627 8.03 6.98 -28.61
CA GLY A 627 7.00 7.85 -28.02
C GLY A 627 5.61 7.33 -28.25
N ALA A 628 5.38 6.79 -29.45
CA ALA A 628 4.04 6.37 -29.83
C ALA A 628 3.56 5.15 -29.04
N PRO A 629 2.25 5.08 -28.78
CA PRO A 629 1.74 3.91 -28.06
C PRO A 629 1.83 2.58 -28.85
N LEU A 630 1.80 1.47 -28.13
CA LEU A 630 1.85 0.15 -28.69
C LEU A 630 0.46 -0.44 -28.62
N THR A 631 0.04 -1.07 -29.71
CA THR A 631 -1.21 -1.76 -29.72
C THR A 631 -0.96 -3.25 -29.51
N LEU A 632 -1.49 -3.79 -28.43
CA LEU A 632 -1.37 -5.21 -28.20
C LEU A 632 -2.75 -5.83 -28.32
N PRO A 633 -2.84 -7.00 -28.96
CA PRO A 633 -4.12 -7.72 -28.93
C PRO A 633 -4.35 -8.32 -27.54
N THR A 634 -5.60 -8.57 -27.17
CA THR A 634 -5.97 -9.13 -25.87
C THR A 634 -6.46 -10.55 -26.02
N ASP A 635 -6.43 -11.29 -24.94
CA ASP A 635 -7.06 -12.61 -24.93
C ASP A 635 -7.71 -12.80 -23.55
N LEU A 636 -8.51 -13.84 -23.38
CA LEU A 636 -9.19 -14.05 -22.13
C LEU A 636 -8.25 -14.63 -21.04
N HIS A 637 -7.14 -15.28 -21.44
N HIS A 637 -7.13 -15.23 -21.47
CA HIS A 637 -6.26 -15.94 -20.45
CA HIS A 637 -6.23 -15.95 -20.61
C HIS A 637 -5.25 -15.01 -19.78
C HIS A 637 -5.29 -15.02 -19.81
N THR A 638 -5.04 -13.82 -20.33
CA THR A 638 -4.12 -12.83 -19.75
C THR A 638 -4.63 -11.38 -19.79
N ILE A 639 -3.88 -10.46 -19.16
CA ILE A 639 -4.02 -9.02 -19.39
C ILE A 639 -2.69 -8.47 -19.84
N PRO A 640 -2.69 -7.41 -20.64
CA PRO A 640 -1.42 -6.90 -21.20
C PRO A 640 -0.39 -6.42 -20.18
N VAL A 641 0.80 -7.03 -20.20
CA VAL A 641 1.90 -6.69 -19.34
C VAL A 641 3.13 -6.60 -20.22
N LEU A 642 3.84 -5.50 -20.14
CA LEU A 642 5.11 -5.32 -20.80
C LEU A 642 6.25 -5.29 -19.79
N VAL A 643 7.39 -5.85 -20.19
CA VAL A 643 8.61 -5.83 -19.36
C VAL A 643 9.59 -4.87 -19.93
N LYS A 644 10.18 -4.07 -19.07
CA LYS A 644 11.19 -3.13 -19.45
C LYS A 644 12.51 -3.80 -19.80
N ALA A 645 13.12 -3.42 -20.92
CA ALA A 645 14.48 -3.87 -21.24
C ALA A 645 15.40 -3.54 -20.10
N GLY A 646 16.25 -4.52 -19.74
CA GLY A 646 17.17 -4.41 -18.61
C GLY A 646 16.63 -4.93 -17.29
N ALA A 647 15.41 -5.46 -17.30
CA ALA A 647 14.81 -6.08 -16.14
C ALA A 647 15.46 -7.41 -15.78
N PHE A 648 15.62 -7.66 -14.49
CA PHE A 648 15.84 -9.01 -13.93
C PHE A 648 14.56 -9.44 -13.20
N MET A 649 13.85 -10.43 -13.73
CA MET A 649 12.62 -10.94 -13.15
C MET A 649 12.98 -12.24 -12.45
N PRO A 650 12.85 -12.29 -11.12
CA PRO A 650 13.24 -13.48 -10.36
C PRO A 650 12.05 -14.34 -10.00
N TYR A 651 12.23 -15.66 -10.09
CA TYR A 651 11.21 -16.60 -9.75
C TYR A 651 11.75 -17.75 -8.90
N VAL A 652 10.86 -18.32 -8.12
CA VAL A 652 11.10 -19.53 -7.39
C VAL A 652 9.99 -20.47 -7.79
N PRO A 653 10.15 -21.78 -7.50
CA PRO A 653 9.10 -22.71 -7.76
C PRO A 653 7.84 -22.40 -6.91
N ALA A 654 6.67 -22.73 -7.48
CA ALA A 654 5.41 -22.48 -6.85
C ALA A 654 5.29 -23.38 -5.69
N VAL A 655 4.73 -22.85 -4.61
CA VAL A 655 4.38 -23.59 -3.43
C VAL A 655 2.91 -23.38 -3.16
N SER A 656 2.35 -24.20 -2.30
CA SER A 656 0.95 -24.08 -1.88
C SER A 656 0.73 -23.01 -0.80
N THR A 657 1.80 -22.64 -0.09
CA THR A 657 1.72 -21.75 1.07
C THR A 657 3.11 -21.19 1.27
N THR A 658 3.19 -19.93 1.66
CA THR A 658 4.46 -19.30 1.93
C THR A 658 5.18 -19.93 3.12
N GLU A 659 4.50 -20.74 3.91
CA GLU A 659 5.19 -21.45 5.01
C GLU A 659 6.24 -22.44 4.44
N ASP A 660 6.05 -22.86 3.18
CA ASP A 660 6.96 -23.74 2.45
C ASP A 660 7.90 -23.02 1.54
N TYR A 661 7.95 -21.70 1.57
CA TYR A 661 8.75 -20.91 0.64
C TYR A 661 10.24 -21.32 0.74
N ARG A 662 10.87 -21.61 -0.41
CA ARG A 662 12.32 -21.77 -0.49
C ARG A 662 12.83 -21.13 -1.77
N SER A 663 14.03 -20.56 -1.68
CA SER A 663 14.76 -20.06 -2.82
C SER A 663 15.99 -20.93 -3.11
N ASP A 664 15.97 -22.19 -2.68
CA ASP A 664 17.07 -23.14 -3.04
C ASP A 664 17.29 -23.23 -4.57
N SER A 665 16.19 -23.11 -5.29
CA SER A 665 16.13 -23.02 -6.73
C SER A 665 15.61 -21.63 -7.13
N LEU A 666 16.43 -20.88 -7.86
CA LEU A 666 16.11 -19.60 -8.47
C LEU A 666 16.06 -19.70 -9.97
N GLU A 667 15.19 -18.90 -10.58
CA GLU A 667 15.15 -18.78 -12.01
C GLU A 667 14.99 -17.31 -12.28
N ILE A 668 15.95 -16.75 -13.01
CA ILE A 668 16.02 -15.33 -13.22
C ILE A 668 15.99 -15.05 -14.69
N HIS A 669 15.14 -14.12 -15.13
CA HIS A 669 15.02 -13.81 -16.53
C HIS A 669 15.48 -12.43 -16.74
N TYR A 670 16.50 -12.27 -17.59
CA TYR A 670 17.05 -10.97 -17.89
C TYR A 670 16.65 -10.58 -19.28
N TYR A 671 16.12 -9.36 -19.42
CA TYR A 671 15.67 -8.86 -20.75
C TYR A 671 16.71 -7.97 -21.43
N ALA A 672 17.59 -8.56 -22.25
CA ALA A 672 18.73 -7.79 -22.81
C ALA A 672 18.34 -6.98 -24.01
N ASP A 673 18.97 -5.81 -24.09
CA ASP A 673 18.92 -4.96 -25.28
C ASP A 673 20.07 -4.02 -25.23
N ALA A 674 20.74 -3.82 -26.36
CA ALA A 674 21.89 -2.88 -26.40
C ALA A 674 21.50 -1.45 -25.99
N SER A 675 20.22 -1.10 -26.09
CA SER A 675 19.75 0.21 -25.62
C SER A 675 19.93 0.37 -24.10
N VAL A 676 20.13 -0.73 -23.36
CA VAL A 676 20.35 -0.65 -21.93
C VAL A 676 21.76 -1.19 -21.60
N PRO A 677 22.76 -0.32 -21.55
CA PRO A 677 24.13 -0.79 -21.33
C PRO A 677 24.49 -1.09 -19.89
N LEU A 678 23.65 -0.70 -18.94
CA LEU A 678 23.83 -0.99 -17.51
C LEU A 678 22.47 -1.28 -16.94
N ALA A 679 22.35 -2.34 -16.16
CA ALA A 679 21.13 -2.67 -15.50
C ALA A 679 21.43 -3.33 -14.17
N GLN A 680 20.49 -3.20 -13.24
CA GLN A 680 20.61 -3.80 -11.93
C GLN A 680 19.32 -4.39 -11.46
N GLY A 681 19.46 -5.36 -10.59
CA GLY A 681 18.34 -5.97 -9.96
C GLY A 681 18.76 -6.35 -8.58
N GLU A 682 17.77 -6.68 -7.77
CA GLU A 682 18.04 -7.11 -6.44
C GLU A 682 16.94 -8.04 -6.00
N ILE A 683 17.32 -9.01 -5.15
CA ILE A 683 16.40 -9.89 -4.53
C ILE A 683 16.65 -9.90 -3.02
N PHE A 684 15.63 -9.55 -2.25
CA PHE A 684 15.71 -9.47 -0.80
C PHE A 684 15.15 -10.73 -0.19
N GLU A 685 15.96 -11.48 0.56
CA GLU A 685 15.52 -12.70 1.18
C GLU A 685 15.77 -12.55 2.65
N ASP A 686 14.79 -12.95 3.44
CA ASP A 686 14.98 -13.05 4.88
C ASP A 686 14.10 -14.17 5.34
N ASP A 687 13.86 -14.35 6.64
CA ASP A 687 13.01 -15.44 7.07
C ASP A 687 11.50 -15.27 6.83
N GLY A 688 11.09 -14.13 6.27
CA GLY A 688 9.69 -13.89 6.01
C GLY A 688 8.80 -13.57 7.18
N LYS A 689 9.37 -13.49 8.39
CA LYS A 689 8.59 -13.35 9.61
C LYS A 689 9.13 -12.42 10.71
N ASP A 690 10.43 -12.18 10.74
CA ASP A 690 11.09 -11.45 11.82
C ASP A 690 10.92 -9.91 11.63
N PRO A 691 10.23 -9.23 12.58
CA PRO A 691 10.05 -7.77 12.41
C PRO A 691 11.36 -6.98 12.47
N ASN A 692 12.42 -7.57 13.05
CA ASN A 692 13.69 -6.93 13.15
C ASN A 692 14.73 -7.34 12.09
N SER A 693 14.33 -8.11 11.08
CA SER A 693 15.27 -8.60 10.09
C SER A 693 16.09 -7.48 9.47
N ILE A 694 15.44 -6.41 9.05
CA ILE A 694 16.12 -5.33 8.34
C ILE A 694 17.04 -4.51 9.26
N LYS A 695 16.50 -4.13 10.41
CA LYS A 695 17.22 -3.36 11.44
C LYS A 695 18.50 -4.10 11.86
N ARG A 696 18.39 -5.39 12.17
CA ARG A 696 19.54 -6.22 12.57
C ARG A 696 20.36 -6.88 11.42
N ASN A 697 20.06 -6.54 10.17
CA ASN A 697 20.72 -7.14 8.99
C ASN A 697 20.62 -8.66 8.86
N GLN A 698 19.56 -9.25 9.41
CA GLN A 698 19.34 -10.68 9.36
C GLN A 698 18.64 -11.00 8.04
N PHE A 699 19.35 -10.75 6.95
CA PHE A 699 18.87 -11.00 5.62
C PHE A 699 20.00 -11.27 4.61
N ASP A 700 19.57 -11.77 3.46
CA ASP A 700 20.40 -12.08 2.34
C ASP A 700 19.93 -11.22 1.15
N LEU A 701 20.76 -10.31 0.73
CA LEU A 701 20.40 -9.37 -0.31
C LEU A 701 21.22 -9.65 -1.56
N LEU A 702 20.59 -10.32 -2.53
CA LEU A 702 21.25 -10.67 -3.77
C LEU A 702 21.17 -9.50 -4.71
N THR A 703 22.30 -9.10 -5.28
CA THR A 703 22.35 -8.11 -6.33
C THR A 703 22.88 -8.70 -7.62
N LEU A 704 22.46 -8.07 -8.71
CA LEU A 704 22.79 -8.49 -10.05
C LEU A 704 23.03 -7.27 -10.86
N GLN A 705 24.17 -7.21 -11.54
CA GLN A 705 24.51 -6.11 -12.44
C GLN A 705 24.85 -6.63 -13.84
N ALA A 706 24.20 -6.10 -14.86
CA ALA A 706 24.51 -6.43 -16.23
C ALA A 706 25.20 -5.27 -16.89
N THR A 707 26.24 -5.58 -17.64
CA THR A 707 26.96 -4.64 -18.47
C THR A 707 26.93 -5.13 -19.93
N HIS A 708 26.31 -4.35 -20.81
CA HIS A 708 25.98 -4.80 -22.15
C HIS A 708 26.66 -3.86 -23.14
N THR A 709 27.74 -4.33 -23.76
CA THR A 709 28.45 -3.58 -24.77
C THR A 709 28.26 -4.27 -26.13
N ASP A 710 28.97 -3.81 -27.15
CA ASP A 710 28.80 -4.32 -28.51
C ASP A 710 29.25 -5.78 -28.64
N ASN A 711 30.32 -6.16 -27.97
CA ASN A 711 30.86 -7.51 -28.09
C ASN A 711 30.77 -8.36 -26.83
N GLN A 712 30.15 -7.85 -25.76
CA GLN A 712 30.15 -8.58 -24.51
C GLN A 712 28.90 -8.33 -23.69
N LEU A 713 28.55 -9.32 -22.86
CA LEU A 713 27.48 -9.19 -21.89
C LEU A 713 27.98 -9.82 -20.64
N HIS A 714 28.15 -8.98 -19.60
CA HIS A 714 28.83 -9.32 -18.37
C HIS A 714 27.81 -9.21 -17.21
N PHE A 715 27.66 -10.25 -16.39
CA PHE A 715 26.88 -10.21 -15.17
C PHE A 715 27.76 -10.32 -13.94
N GLN A 716 27.57 -9.42 -12.99
CA GLN A 716 28.19 -9.50 -11.68
C GLN A 716 27.15 -9.84 -10.65
N LEU A 717 27.34 -10.95 -9.96
CA LEU A 717 26.42 -11.37 -8.93
C LEU A 717 27.11 -11.33 -7.55
N ALA A 718 26.33 -10.93 -6.52
CA ALA A 718 26.84 -10.77 -5.15
C ALA A 718 25.73 -10.90 -4.10
N ARG A 719 26.14 -11.17 -2.87
CA ARG A 719 25.23 -11.24 -1.75
C ARG A 719 25.78 -10.40 -0.58
N THR A 720 24.93 -9.60 0.04
CA THR A 720 25.28 -8.94 1.29
C THR A 720 24.30 -9.32 2.39
N GLY A 721 24.64 -8.89 3.60
CA GLY A 721 23.85 -9.13 4.77
C GLY A 721 24.44 -10.25 5.56
N LYS A 722 23.94 -10.44 6.77
CA LYS A 722 24.47 -11.45 7.69
C LYS A 722 23.73 -12.75 7.56
N GLY A 723 22.77 -12.82 6.64
CA GLY A 723 21.99 -14.01 6.45
C GLY A 723 21.03 -14.19 7.59
N TYR A 724 20.45 -15.38 7.65
CA TYR A 724 19.39 -15.69 8.57
C TYR A 724 19.34 -17.18 8.71
N ARG A 725 18.62 -17.66 9.71
CA ARG A 725 18.55 -19.08 10.03
C ARG A 725 17.80 -19.82 8.91
N GLY A 726 18.45 -20.83 8.34
CA GLY A 726 17.87 -21.57 7.21
C GLY A 726 18.12 -21.00 5.82
N MET A 727 18.84 -19.90 5.71
CA MET A 727 19.26 -19.36 4.45
C MET A 727 20.06 -20.45 3.68
N PRO A 728 19.66 -20.75 2.42
CA PRO A 728 20.58 -21.64 1.64
C PRO A 728 21.95 -21.03 1.34
N GLU A 729 23.02 -21.77 1.60
CA GLU A 729 24.36 -21.29 1.26
C GLU A 729 24.53 -21.23 -0.23
N ARG A 730 23.96 -22.21 -0.96
CA ARG A 730 24.14 -22.33 -2.39
C ARG A 730 22.76 -22.54 -3.03
N ARG A 731 22.47 -21.67 -3.99
CA ARG A 731 21.25 -21.71 -4.76
C ARG A 731 21.56 -22.13 -6.20
N ALA A 732 20.81 -23.11 -6.64
CA ALA A 732 20.84 -23.55 -8.05
C ALA A 732 20.08 -22.46 -8.84
N THR A 733 20.78 -21.83 -9.74
CA THR A 733 20.32 -20.69 -10.48
C THR A 733 20.31 -20.96 -12.00
N THR A 734 19.13 -20.80 -12.59
CA THR A 734 18.97 -20.75 -14.02
C THR A 734 18.77 -19.31 -14.46
N LEU A 735 19.73 -18.76 -15.22
CA LEU A 735 19.60 -17.42 -15.76
C LEU A 735 19.19 -17.47 -17.22
N VAL A 736 18.08 -16.83 -17.59
CA VAL A 736 17.58 -16.88 -18.98
C VAL A 736 17.66 -15.53 -19.60
N ILE A 737 18.49 -15.36 -20.63
CA ILE A 737 18.68 -14.10 -21.27
C ILE A 737 17.78 -14.06 -22.50
N HIS A 738 16.79 -13.19 -22.43
CA HIS A 738 15.86 -12.96 -23.53
C HIS A 738 16.51 -11.96 -24.44
N ASN A 739 16.17 -12.08 -25.74
CA ASN A 739 16.71 -11.24 -26.80
C ASN A 739 18.25 -11.26 -26.86
N ALA A 740 18.82 -12.40 -26.48
CA ALA A 740 20.24 -12.61 -26.49
C ALA A 740 20.75 -12.73 -27.90
N SER A 741 21.89 -12.10 -28.13
CA SER A 741 22.55 -12.15 -29.43
C SER A 741 22.84 -13.60 -29.80
N ASP A 742 22.73 -13.87 -31.09
CA ASP A 742 23.16 -15.15 -31.61
C ASP A 742 24.68 -15.25 -31.89
N GLN A 743 25.44 -14.20 -31.62
N GLN A 743 25.43 -14.19 -31.60
CA GLN A 743 26.87 -14.21 -31.89
CA GLN A 743 26.87 -14.18 -31.87
C GLN A 743 27.77 -14.48 -30.66
C GLN A 743 27.77 -14.55 -30.68
N TYR A 744 27.22 -14.87 -29.50
CA TYR A 744 28.08 -15.17 -28.34
C TYR A 744 28.70 -16.57 -28.56
N GLN A 745 30.02 -16.63 -28.55
CA GLN A 745 30.76 -17.88 -28.76
C GLN A 745 31.17 -18.56 -27.44
N HIS A 746 31.59 -17.75 -26.47
CA HIS A 746 32.01 -18.33 -25.22
C HIS A 746 31.54 -17.57 -24.00
N LEU A 747 31.53 -18.35 -22.93
CA LEU A 747 31.14 -17.96 -21.63
C LEU A 747 32.29 -18.26 -20.72
N ASP A 748 32.66 -17.26 -19.91
N ASP A 748 32.68 -17.31 -19.88
CA ASP A 748 33.54 -17.43 -18.76
CA ASP A 748 33.50 -17.69 -18.74
C ASP A 748 32.69 -17.34 -17.47
C ASP A 748 32.81 -17.32 -17.45
N ILE A 749 32.80 -18.29 -16.54
CA ILE A 749 32.26 -18.15 -15.20
C ILE A 749 33.44 -18.07 -14.24
N ASN A 750 33.72 -16.89 -13.69
CA ASN A 750 34.86 -16.65 -12.80
C ASN A 750 36.21 -17.10 -13.44
N GLY A 751 36.39 -16.84 -14.73
CA GLY A 751 37.60 -17.21 -15.47
C GLY A 751 37.64 -18.59 -16.12
N LYS A 752 36.72 -19.48 -15.75
CA LYS A 752 36.60 -20.79 -16.35
C LYS A 752 35.70 -20.75 -17.60
N THR A 753 36.31 -21.04 -18.75
CA THR A 753 35.64 -21.04 -20.04
C THR A 753 34.75 -22.26 -20.27
N ILE A 754 33.54 -22.01 -20.77
CA ILE A 754 32.53 -23.02 -20.99
C ILE A 754 31.98 -22.76 -22.40
N ALA A 755 31.86 -23.78 -23.24
CA ALA A 755 31.32 -23.54 -24.60
C ALA A 755 29.80 -23.36 -24.53
N ILE A 756 29.27 -22.57 -25.43
CA ILE A 756 27.82 -22.37 -25.50
C ILE A 756 27.22 -23.35 -26.52
N ALA A 757 26.44 -24.33 -26.06
CA ALA A 757 25.71 -25.24 -26.97
C ALA A 757 24.65 -24.45 -27.80
N GLN A 758 24.37 -24.92 -29.01
CA GLN A 758 23.45 -24.24 -29.95
C GLN A 758 22.33 -25.18 -30.40
N ALA A 759 22.08 -26.22 -29.62
CA ALA A 759 21.09 -27.22 -29.96
C ALA A 759 20.62 -27.88 -28.68
N ASP A 760 19.37 -28.36 -28.69
CA ASP A 760 18.92 -29.26 -27.62
C ASP A 760 19.04 -28.65 -26.21
N CYS A 761 18.69 -27.38 -26.08
CA CYS A 761 18.80 -26.67 -24.76
C CYS A 761 17.79 -27.22 -23.81
N ALA A 762 16.55 -27.29 -24.30
CA ALA A 762 15.46 -27.91 -23.54
C ALA A 762 15.69 -29.42 -23.27
N SER A 763 16.63 -30.09 -23.96
CA SER A 763 16.76 -31.58 -23.87
C SER A 763 18.14 -32.14 -23.40
N THR A 764 19.04 -31.28 -22.92
CA THR A 764 20.28 -31.71 -22.28
C THR A 764 20.50 -30.90 -21.00
N PRO A 765 21.20 -31.48 -19.99
CA PRO A 765 21.60 -30.76 -18.75
C PRO A 765 22.74 -29.74 -19.02
N ALA A 766 22.53 -28.91 -20.04
CA ALA A 766 23.53 -27.97 -20.54
C ALA A 766 23.78 -26.88 -19.47
N LEU A 767 25.03 -26.48 -19.38
CA LEU A 767 25.41 -25.43 -18.47
C LEU A 767 25.22 -24.09 -19.17
N ALA A 768 25.44 -24.02 -20.49
CA ALA A 768 25.15 -22.86 -21.28
C ALA A 768 24.57 -23.28 -22.63
N CYS A 769 23.41 -22.73 -23.02
CA CYS A 769 22.78 -23.15 -24.28
C CYS A 769 21.94 -22.02 -24.90
N TYR A 770 22.16 -21.78 -26.19
CA TYR A 770 21.42 -20.78 -26.94
C TYR A 770 20.30 -21.45 -27.74
N ASP A 771 19.08 -21.00 -27.53
CA ASP A 771 17.88 -21.45 -28.27
C ASP A 771 17.66 -20.45 -29.40
N GLN A 772 18.00 -20.84 -30.62
CA GLN A 772 17.97 -19.93 -31.78
C GLN A 772 16.53 -19.50 -32.19
N GLU A 773 15.57 -20.40 -32.04
CA GLU A 773 14.18 -20.16 -32.36
C GLU A 773 13.56 -19.16 -31.38
N ARG A 774 13.93 -19.20 -30.10
CA ARG A 774 13.37 -18.26 -29.08
C ARG A 774 14.28 -17.08 -28.75
N ARG A 775 15.46 -17.02 -29.34
CA ARG A 775 16.46 -16.00 -29.01
C ARG A 775 16.74 -15.90 -27.48
N GLN A 776 16.83 -17.05 -26.82
CA GLN A 776 17.09 -17.13 -25.39
C GLN A 776 18.40 -17.88 -25.13
N LEU A 777 19.25 -17.30 -24.29
CA LEU A 777 20.48 -17.96 -23.87
C LEU A 777 20.34 -18.33 -22.40
N GLN A 778 20.39 -19.62 -22.11
CA GLN A 778 20.17 -20.16 -20.76
C GLN A 778 21.50 -20.57 -20.09
N LEU A 779 21.78 -20.05 -18.89
CA LEU A 779 22.98 -20.40 -18.08
C LEU A 779 22.54 -21.07 -16.81
N VAL A 780 23.14 -22.21 -16.44
CA VAL A 780 22.76 -22.91 -15.20
C VAL A 780 24.02 -23.04 -14.37
N PHE A 781 23.95 -22.57 -13.12
CA PHE A 781 25.15 -22.45 -12.25
C PHE A 781 24.76 -22.44 -10.76
N THR A 782 25.78 -22.38 -9.89
CA THR A 782 25.57 -22.45 -8.46
C THR A 782 25.94 -21.07 -7.96
N TRP A 783 25.02 -20.42 -7.24
CA TRP A 783 25.24 -19.10 -6.73
C TRP A 783 25.43 -19.22 -5.22
N GLY A 784 26.68 -19.13 -4.82
CA GLY A 784 27.03 -19.35 -3.41
C GLY A 784 27.32 -18.01 -2.79
N ARG A 785 28.04 -18.01 -1.68
CA ARG A 785 28.24 -16.78 -0.91
C ARG A 785 29.23 -15.81 -1.55
N GLU A 786 30.19 -16.32 -2.31
CA GLU A 786 31.18 -15.44 -2.96
C GLU A 786 30.67 -14.81 -4.26
N ALA A 787 31.30 -13.72 -4.63
CA ALA A 787 30.98 -13.02 -5.85
C ALA A 787 31.18 -13.95 -7.08
N LEU A 788 30.37 -13.71 -8.09
CA LEU A 788 30.33 -14.51 -9.28
C LEU A 788 30.29 -13.53 -10.46
N ASN A 789 31.11 -13.79 -11.47
CA ASN A 789 31.07 -13.07 -12.69
C ASN A 789 30.84 -14.01 -13.85
N LEU A 790 29.86 -13.67 -14.67
CA LEU A 790 29.55 -14.44 -15.89
C LEU A 790 29.81 -13.53 -17.06
N ARG A 791 30.74 -13.91 -17.94
CA ARG A 791 31.07 -13.08 -19.07
C ARG A 791 30.78 -13.79 -20.39
N LEU A 792 29.91 -13.21 -21.22
CA LEU A 792 29.65 -13.74 -22.56
C LEU A 792 30.39 -12.83 -23.55
N HIS A 793 31.08 -13.36 -24.54
N HIS A 793 31.02 -13.42 -24.56
CA HIS A 793 31.82 -12.53 -25.50
CA HIS A 793 31.93 -12.76 -25.48
C HIS A 793 31.66 -13.12 -26.89
C HIS A 793 31.54 -13.16 -26.92
N LYS A 794 31.57 -12.23 -27.86
CA LYS A 794 31.53 -12.60 -29.27
C LYS A 794 32.96 -12.94 -29.69
#